data_2QQO
#
_entry.id   2QQO
#
_cell.length_a   50.093
_cell.length_b   192.909
_cell.length_c   66.169
_cell.angle_alpha   90.000
_cell.angle_beta   90.080
_cell.angle_gamma   90.000
#
_symmetry.space_group_name_H-M   'P 1 21 1'
#
loop_
_entity.id
_entity.type
_entity.pdbx_description
1 polymer Neuropilin-2
2 non-polymer 'CALCIUM ION'
3 non-polymer 1,2-ETHANEDIOL
4 non-polymer 2-AMINO-2-HYDROXYMETHYL-PROPANE-1,3-DIOL
5 water water
#
_entity_poly.entity_id   1
_entity_poly.type   'polypeptide(L)'
_entity_poly.pdbx_seq_one_letter_code
;ADPGSEDCSKNFTSPNGTIESPGFPEKYPHNLDCTFTILAKPKMEIILQFLIFDLEHDPLQVGEGDCKYDWLDIWDGIPH
VGPLIGKYCGTKTPSELRSSTGILSLTFHTDMAVAKDGFSARYYLVHQEPLENFQCNVPLGMESGRIANEQISASSTYSD
GRWTPQQSRLHGDDNGWTPNLDSNKEYLQVDLRFLTMLTAIATQGAISRETQNGYYVKSYKLEVSTNGEDWMVYRHGKNH
KVFQANNDATEVVLNKLHAPLLTRFVRIRPQTWHSGIALRLELFGCRVTDAPCSNMLGMLSGLIADSQISASSTQEYLWS
PSAARLVSSRSGWFPRIPQAQPGEEWLQVDLGTPKTVKGVIIQGARGGDSITAVEARAFVRKFKVSYSLNGKDWEYIQDP
RTQQPKLFEGNMHYDTPDIRRFDPIPAQYVRVYPERWSPAGIGMRLEVLGCDWTHHHHHH
;
_entity_poly.pdbx_strand_id   A,B
#
# COMPACT_ATOMS: atom_id res chain seq x y z
N ASP A 7 -40.63 31.57 -16.42
CA ASP A 7 -39.24 31.05 -16.58
C ASP A 7 -38.30 31.73 -15.58
N CYS A 8 -37.75 30.91 -14.68
CA CYS A 8 -36.89 31.38 -13.60
C CYS A 8 -35.47 31.83 -14.03
N SER A 9 -34.97 31.22 -15.11
CA SER A 9 -33.53 31.22 -15.43
C SER A 9 -33.06 32.45 -16.16
N LYS A 10 -31.80 32.83 -15.97
CA LYS A 10 -31.26 34.06 -16.59
C LYS A 10 -29.80 33.94 -16.99
N ASN A 11 -29.47 34.70 -18.04
CA ASN A 11 -28.11 34.88 -18.52
C ASN A 11 -27.62 36.28 -18.22
N PHE A 12 -26.31 36.44 -17.97
CA PHE A 12 -25.72 37.75 -17.64
C PHE A 12 -24.43 37.96 -18.42
N THR A 13 -24.41 39.01 -19.24
CA THR A 13 -23.28 39.34 -20.11
C THR A 13 -22.75 40.76 -19.91
N SER A 14 -23.53 41.62 -19.25
CA SER A 14 -23.16 43.00 -19.01
C SER A 14 -21.96 43.12 -18.05
N PRO A 15 -21.05 44.08 -18.30
CA PRO A 15 -19.83 44.23 -17.48
C PRO A 15 -20.01 44.09 -15.95
N ASN A 16 -21.14 44.52 -15.41
CA ASN A 16 -21.44 44.45 -13.98
C ASN A 16 -22.94 44.22 -13.82
N GLY A 17 -23.32 43.50 -12.76
CA GLY A 17 -24.72 43.14 -12.57
C GLY A 17 -25.05 42.58 -11.20
N THR A 18 -26.34 42.26 -11.02
CA THR A 18 -26.92 41.73 -9.80
C THR A 18 -27.57 40.38 -10.12
N ILE A 19 -27.44 39.43 -9.19
CA ILE A 19 -28.11 38.13 -9.28
C ILE A 19 -28.77 37.85 -7.93
N GLU A 20 -30.01 37.38 -7.94
CA GLU A 20 -30.75 37.24 -6.69
C GLU A 20 -31.86 36.22 -6.80
N SER A 21 -32.36 35.81 -5.65
CA SER A 21 -33.45 34.84 -5.55
C SER A 21 -34.72 35.50 -6.09
N PRO A 22 -35.62 34.74 -6.73
CA PRO A 22 -36.85 35.38 -7.20
C PRO A 22 -37.69 36.00 -6.08
N GLY A 23 -38.01 37.29 -6.28
CA GLY A 23 -38.81 38.07 -5.36
C GLY A 23 -37.96 38.77 -4.32
N PHE A 24 -36.64 38.59 -4.33
CA PHE A 24 -35.80 39.24 -3.33
C PHE A 24 -36.08 40.76 -3.28
N PRO A 25 -36.17 41.37 -2.07
CA PRO A 25 -35.99 40.87 -0.68
C PRO A 25 -37.17 40.18 0.02
N GLU A 26 -38.22 39.83 -0.72
CA GLU A 26 -39.23 38.92 -0.17
C GLU A 26 -38.63 37.52 0.01
N LYS A 27 -39.28 36.74 0.85
CA LYS A 27 -38.99 35.32 0.94
C LYS A 27 -39.13 34.65 -0.42
N TYR A 28 -38.31 33.63 -0.66
CA TYR A 28 -38.26 32.96 -1.97
C TYR A 28 -39.41 31.96 -2.14
N PRO A 29 -39.90 31.81 -3.39
CA PRO A 29 -40.95 30.83 -3.71
C PRO A 29 -40.54 29.38 -3.52
N HIS A 30 -41.55 28.51 -3.44
CA HIS A 30 -41.33 27.06 -3.39
C HIS A 30 -41.26 26.45 -4.80
N ASN A 31 -40.68 25.25 -4.87
CA ASN A 31 -40.61 24.45 -6.10
C ASN A 31 -39.86 25.10 -7.26
N LEU A 32 -38.78 25.81 -6.93
CA LEU A 32 -37.97 26.46 -7.94
C LEU A 32 -36.83 25.56 -8.39
N ASP A 33 -36.44 25.74 -9.65
CA ASP A 33 -35.20 25.25 -10.19
C ASP A 33 -34.72 26.29 -11.23
N CYS A 34 -33.87 27.21 -10.80
CA CYS A 34 -33.38 28.30 -11.67
C CYS A 34 -31.93 28.10 -12.02
N THR A 35 -31.54 28.55 -13.22
CA THR A 35 -30.15 28.55 -13.65
C THR A 35 -29.78 29.99 -13.94
N PHE A 36 -28.76 30.50 -13.23
CA PHE A 36 -28.18 31.80 -13.51
C PHE A 36 -26.77 31.59 -14.09
N THR A 37 -26.54 32.07 -15.31
CA THR A 37 -25.26 31.91 -15.98
C THR A 37 -24.62 33.25 -16.32
N ILE A 38 -23.37 33.44 -15.90
CA ILE A 38 -22.57 34.58 -16.30
C ILE A 38 -21.62 34.14 -17.42
N LEU A 39 -21.62 34.90 -18.51
CA LEU A 39 -20.77 34.64 -19.66
C LEU A 39 -19.82 35.83 -19.87
N ALA A 40 -18.54 35.54 -20.04
CA ALA A 40 -17.52 36.56 -20.30
C ALA A 40 -16.66 36.11 -21.47
N LYS A 41 -16.19 37.06 -22.26
CA LYS A 41 -15.31 36.74 -23.37
C LYS A 41 -13.89 36.60 -22.82
N PRO A 42 -12.94 36.10 -23.64
CA PRO A 42 -11.63 35.72 -23.07
C PRO A 42 -10.82 36.89 -22.47
N LYS A 43 -9.91 36.53 -21.57
CA LYS A 43 -9.06 37.46 -20.82
C LYS A 43 -9.82 38.34 -19.81
N MET A 44 -11.12 38.08 -19.69
CA MET A 44 -11.98 38.68 -18.67
C MET A 44 -12.17 37.72 -17.49
N GLU A 45 -11.94 38.23 -16.29
CA GLU A 45 -12.18 37.52 -15.04
C GLU A 45 -13.58 37.83 -14.52
N ILE A 46 -14.28 36.79 -14.06
CA ILE A 46 -15.62 36.92 -13.46
C ILE A 46 -15.45 37.01 -11.95
N ILE A 47 -16.00 38.03 -11.31
CA ILE A 47 -15.87 38.16 -9.86
C ILE A 47 -17.27 38.10 -9.30
N LEU A 48 -17.51 37.15 -8.38
CA LEU A 48 -18.84 36.96 -7.75
C LEU A 48 -18.74 37.12 -6.25
N GLN A 49 -19.55 38.02 -5.69
CA GLN A 49 -19.54 38.39 -4.26
C GLN A 49 -20.97 38.35 -3.72
N PHE A 50 -21.19 37.63 -2.62
CA PHE A 50 -22.53 37.55 -2.01
C PHE A 50 -22.70 38.63 -0.96
N LEU A 51 -23.87 39.30 -0.98
CA LEU A 51 -24.21 40.38 -0.04
C LEU A 51 -25.15 39.87 1.06
N ILE A 52 -26.19 39.14 0.65
CA ILE A 52 -27.09 38.43 1.57
C ILE A 52 -27.14 36.97 1.11
N PHE A 53 -27.23 36.07 2.10
CA PHE A 53 -27.45 34.64 1.87
C PHE A 53 -28.19 34.04 3.08
N ASP A 54 -29.34 33.42 2.80
CA ASP A 54 -30.21 32.83 3.82
C ASP A 54 -31.15 31.80 3.18
N LEU A 55 -30.77 30.53 3.29
CA LEU A 55 -31.56 29.40 2.76
C LEU A 55 -31.88 28.42 3.90
N GLU A 56 -32.99 27.71 3.78
CA GLU A 56 -33.30 26.56 4.66
C GLU A 56 -32.16 25.55 4.77
N HIS A 57 -31.87 25.09 6.01
CA HIS A 57 -30.83 24.08 6.26
C HIS A 57 -31.44 22.71 6.60
N ASP A 66 -25.15 18.84 4.83
CA ASP A 66 -26.38 18.30 4.22
C ASP A 66 -27.30 19.43 3.74
N CYS A 67 -27.28 19.66 2.44
CA CYS A 67 -28.16 20.64 1.79
C CYS A 67 -29.17 19.87 0.97
N LYS A 68 -30.03 19.19 1.71
CA LYS A 68 -30.95 18.17 1.24
C LYS A 68 -32.25 18.77 0.75
N TYR A 69 -32.57 19.99 1.18
CA TYR A 69 -33.88 20.58 0.96
C TYR A 69 -33.82 21.72 -0.03
N ASP A 70 -33.28 22.87 0.40
CA ASP A 70 -33.00 24.01 -0.49
C ASP A 70 -31.47 24.20 -0.61
N TRP A 71 -31.01 24.63 -1.78
CA TRP A 71 -29.58 24.85 -1.99
C TRP A 71 -29.28 25.72 -3.19
N LEU A 72 -28.10 26.33 -3.16
CA LEU A 72 -27.50 26.98 -4.31
C LEU A 72 -26.17 26.29 -4.63
N ASP A 73 -26.11 25.70 -5.82
CA ASP A 73 -24.91 25.07 -6.39
C ASP A 73 -24.20 26.08 -7.28
N ILE A 74 -22.88 26.14 -7.17
CA ILE A 74 -22.05 27.01 -8.00
C ILE A 74 -21.17 26.10 -8.84
N TRP A 75 -21.09 26.38 -10.15
CA TRP A 75 -20.51 25.46 -11.13
C TRP A 75 -19.44 26.16 -11.94
N ASP A 76 -18.31 25.49 -12.08
CA ASP A 76 -17.20 25.94 -12.91
C ASP A 76 -17.52 25.58 -14.36
N GLY A 77 -18.52 26.26 -14.90
CA GLY A 77 -19.00 26.07 -16.24
C GLY A 77 -20.50 25.86 -16.20
N ILE A 78 -20.95 24.89 -17.00
CA ILE A 78 -22.35 24.48 -17.16
C ILE A 78 -22.82 23.51 -16.08
N PRO A 79 -24.04 23.75 -15.53
CA PRO A 79 -24.66 22.95 -14.49
C PRO A 79 -24.79 21.47 -14.80
N HIS A 80 -24.29 20.67 -13.87
CA HIS A 80 -24.22 19.20 -13.96
C HIS A 80 -23.34 18.69 -15.09
N VAL A 81 -22.59 19.60 -15.74
CA VAL A 81 -21.59 19.19 -16.72
C VAL A 81 -20.20 19.55 -16.22
N GLY A 82 -19.98 20.82 -15.92
CA GLY A 82 -18.69 21.27 -15.40
C GLY A 82 -18.56 21.00 -13.91
N PRO A 83 -17.34 21.20 -13.36
CA PRO A 83 -17.20 20.87 -11.94
C PRO A 83 -18.07 21.67 -10.98
N LEU A 84 -18.50 21.02 -9.90
CA LEU A 84 -19.15 21.74 -8.79
C LEU A 84 -18.09 22.44 -7.93
N ILE A 85 -18.24 23.74 -7.76
CA ILE A 85 -17.33 24.51 -6.90
C ILE A 85 -17.77 24.31 -5.46
N GLY A 86 -19.08 24.38 -5.23
CA GLY A 86 -19.67 24.13 -3.92
C GLY A 86 -21.19 24.09 -3.99
N LYS A 87 -21.80 23.51 -2.96
CA LYS A 87 -23.25 23.47 -2.72
C LYS A 87 -23.50 24.16 -1.39
N TYR A 88 -24.35 25.20 -1.39
CA TYR A 88 -24.53 26.10 -0.23
C TYR A 88 -25.99 26.17 0.22
N CYS A 89 -26.19 26.17 1.52
CA CYS A 89 -27.53 26.41 2.11
C CYS A 89 -27.33 26.98 3.50
N GLY A 90 -28.40 27.13 4.28
CA GLY A 90 -28.27 27.74 5.60
C GLY A 90 -27.92 29.21 5.55
N THR A 91 -27.29 29.69 6.62
CA THR A 91 -27.19 31.14 6.87
C THR A 91 -25.80 31.69 6.59
N LYS A 92 -24.88 30.84 6.16
CA LYS A 92 -23.49 31.23 5.98
C LYS A 92 -23.30 31.61 4.51
N THR A 93 -22.98 32.88 4.27
CA THR A 93 -22.84 33.40 2.91
C THR A 93 -21.61 32.79 2.20
N PRO A 94 -21.77 32.43 0.91
CA PRO A 94 -20.62 31.91 0.20
C PRO A 94 -19.44 32.89 0.08
N SER A 95 -18.25 32.30 0.11
CA SER A 95 -16.99 32.99 -0.07
C SER A 95 -16.96 33.58 -1.49
N GLU A 96 -16.17 34.62 -1.70
CA GLU A 96 -16.04 35.28 -2.99
C GLU A 96 -15.30 34.41 -4.01
N LEU A 97 -15.73 34.49 -5.27
CA LEU A 97 -15.16 33.65 -6.32
C LEU A 97 -14.68 34.51 -7.48
N ARG A 98 -13.51 34.16 -7.99
CA ARG A 98 -12.91 34.81 -9.12
C ARG A 98 -12.59 33.72 -10.12
N SER A 99 -13.38 33.68 -11.20
CA SER A 99 -13.22 32.67 -12.24
C SER A 99 -12.64 33.24 -13.54
N SER A 100 -11.74 32.48 -14.14
CA SER A 100 -11.15 32.85 -15.41
C SER A 100 -11.54 31.83 -16.50
N THR A 101 -12.58 31.03 -16.22
CA THR A 101 -13.08 29.98 -17.11
C THR A 101 -13.93 30.54 -18.27
N GLY A 102 -14.46 31.74 -18.12
CA GLY A 102 -15.31 32.35 -19.16
C GLY A 102 -16.80 32.11 -18.97
N ILE A 103 -17.14 31.19 -18.05
CA ILE A 103 -18.51 30.84 -17.69
C ILE A 103 -18.59 30.43 -16.21
N LEU A 104 -19.49 31.07 -15.46
CA LEU A 104 -19.78 30.70 -14.08
C LEU A 104 -21.30 30.56 -13.95
N SER A 105 -21.79 29.42 -13.45
CA SER A 105 -23.26 29.17 -13.34
C SER A 105 -23.70 28.99 -11.91
N LEU A 106 -24.96 29.28 -11.64
CA LEU A 106 -25.54 29.04 -10.32
C LEU A 106 -26.89 28.40 -10.56
N THR A 107 -27.20 27.31 -9.86
CA THR A 107 -28.53 26.72 -9.94
C THR A 107 -29.14 26.74 -8.54
N PHE A 108 -30.28 27.38 -8.44
CA PHE A 108 -30.98 27.59 -7.19
C PHE A 108 -32.15 26.64 -7.19
N HIS A 109 -32.17 25.76 -6.18
CA HIS A 109 -33.21 24.76 -6.02
C HIS A 109 -34.00 25.01 -4.74
N THR A 110 -35.33 25.01 -4.82
CA THR A 110 -36.19 25.01 -3.63
C THR A 110 -37.25 23.89 -3.67
N ASP A 111 -37.57 23.33 -2.51
CA ASP A 111 -38.58 22.26 -2.42
C ASP A 111 -39.98 22.79 -2.01
N MET A 112 -40.88 21.87 -1.66
CA MET A 112 -42.31 22.19 -1.49
C MET A 112 -42.69 23.09 -0.29
N ALA A 113 -41.86 23.12 0.75
CA ALA A 113 -42.17 23.93 1.94
C ALA A 113 -40.92 24.57 2.61
N VAL A 114 -41.15 25.60 3.43
CA VAL A 114 -40.10 26.32 4.17
C VAL A 114 -39.22 27.21 3.29
N ALA A 115 -39.37 28.51 3.48
CA ALA A 115 -38.69 29.51 2.68
C ALA A 115 -38.01 30.53 3.60
N LYS A 116 -36.96 31.18 3.10
CA LYS A 116 -36.24 32.20 3.88
C LYS A 116 -36.02 33.43 2.98
N ASP A 117 -35.16 34.36 3.38
CA ASP A 117 -34.91 35.59 2.61
C ASP A 117 -34.21 35.36 1.25
N GLY A 118 -33.42 34.29 1.15
CA GLY A 118 -32.76 33.92 -0.09
C GLY A 118 -31.42 34.62 -0.18
N PHE A 119 -31.06 35.06 -1.38
CA PHE A 119 -29.76 35.64 -1.62
C PHE A 119 -29.74 36.82 -2.57
N SER A 120 -28.69 37.61 -2.45
CA SER A 120 -28.43 38.67 -3.38
C SER A 120 -26.93 38.74 -3.59
N ALA A 121 -26.52 38.76 -4.86
CA ALA A 121 -25.11 38.73 -5.25
C ALA A 121 -24.82 39.77 -6.34
N ARG A 122 -23.54 40.11 -6.48
CA ARG A 122 -23.07 41.03 -7.50
C ARG A 122 -21.94 40.35 -8.27
N TYR A 123 -21.94 40.47 -9.60
CA TYR A 123 -20.83 39.97 -10.42
C TYR A 123 -20.18 41.11 -11.20
N TYR A 124 -18.86 41.05 -11.34
CA TYR A 124 -18.10 42.04 -12.11
C TYR A 124 -17.28 41.31 -13.16
N LEU A 125 -17.09 41.97 -14.30
CA LEU A 125 -16.28 41.43 -15.38
C LEU A 125 -15.11 42.39 -15.55
N VAL A 126 -13.92 41.94 -15.13
CA VAL A 126 -12.74 42.81 -15.01
C VAL A 126 -11.58 42.26 -15.84
N HIS A 127 -10.65 43.13 -16.23
CA HIS A 127 -9.41 42.73 -16.92
C HIS A 127 -8.35 42.25 -15.92
N GLN A 135 5.80 34.21 -16.50
CA GLN A 135 6.31 33.63 -15.24
C GLN A 135 5.22 33.20 -14.22
N CYS A 136 5.23 31.92 -13.85
CA CYS A 136 4.21 31.34 -12.96
C CYS A 136 4.70 31.39 -11.50
N ASN A 137 4.64 32.57 -10.93
CA ASN A 137 5.28 32.84 -9.66
C ASN A 137 4.49 33.75 -8.73
N VAL A 138 3.19 33.94 -9.04
CA VAL A 138 2.33 34.88 -8.33
C VAL A 138 1.90 34.22 -7.01
N PRO A 139 1.94 34.97 -5.89
CA PRO A 139 1.32 34.46 -4.67
C PRO A 139 -0.18 34.21 -4.89
N LEU A 140 -0.72 33.09 -4.42
CA LEU A 140 -2.14 32.73 -4.71
C LEU A 140 -3.19 33.35 -3.77
N GLY A 141 -2.76 33.90 -2.64
CA GLY A 141 -3.66 34.71 -1.80
C GLY A 141 -3.70 34.45 -0.32
N MET A 142 -2.71 33.78 0.26
CA MET A 142 -2.77 33.59 1.70
C MET A 142 -2.52 34.94 2.38
N GLU A 143 -1.43 35.60 1.98
CA GLU A 143 -1.08 36.90 2.56
C GLU A 143 -1.99 38.05 2.08
N SER A 144 -2.53 37.95 0.86
CA SER A 144 -3.40 39.03 0.35
C SER A 144 -4.86 38.94 0.82
N GLY A 145 -5.29 37.76 1.26
CA GLY A 145 -6.71 37.57 1.62
C GLY A 145 -7.56 37.14 0.44
N ARG A 146 -6.95 37.05 -0.74
CA ARG A 146 -7.61 36.51 -1.95
C ARG A 146 -7.96 35.00 -1.79
N ILE A 147 -7.25 34.27 -0.92
CA ILE A 147 -7.76 33.00 -0.44
C ILE A 147 -8.64 33.28 0.79
N ALA A 148 -9.94 33.10 0.66
CA ALA A 148 -10.84 33.47 1.74
C ALA A 148 -10.69 32.53 2.94
N ASN A 149 -11.08 33.01 4.12
CA ASN A 149 -11.05 32.18 5.34
C ASN A 149 -11.73 30.80 5.16
N GLU A 150 -12.81 30.78 4.38
CA GLU A 150 -13.66 29.61 4.20
C GLU A 150 -13.00 28.59 3.27
N GLN A 151 -11.94 29.01 2.57
CA GLN A 151 -11.10 28.14 1.71
C GLN A 151 -10.00 27.39 2.47
N ILE A 152 -9.80 27.76 3.74
CA ILE A 152 -8.78 27.21 4.61
C ILE A 152 -9.44 26.36 5.71
N SER A 153 -8.88 25.17 5.93
CA SER A 153 -9.38 24.21 6.92
C SER A 153 -8.22 23.33 7.37
N ALA A 154 -8.45 22.37 8.27
CA ALA A 154 -7.38 21.52 8.78
C ALA A 154 -7.95 20.26 9.38
N SER A 155 -7.13 19.21 9.45
CA SER A 155 -7.52 17.94 10.07
C SER A 155 -8.03 18.14 11.49
N SER A 156 -7.40 19.06 12.21
CA SER A 156 -7.77 19.45 13.54
C SER A 156 -7.11 20.78 13.88
N THR A 157 -7.47 21.31 15.05
CA THR A 157 -6.88 22.54 15.59
C THR A 157 -6.76 22.49 17.13
N TYR A 158 -5.77 23.20 17.66
CA TYR A 158 -5.51 23.18 19.10
C TYR A 158 -6.73 23.62 19.92
N SER A 159 -6.94 22.95 21.05
CA SER A 159 -8.23 23.00 21.76
C SER A 159 -8.65 24.38 22.34
N ASP A 160 -7.71 25.32 22.46
CA ASP A 160 -8.03 26.68 22.99
C ASP A 160 -8.53 27.72 21.95
N GLY A 161 -8.43 27.41 20.65
CA GLY A 161 -8.98 28.26 19.59
C GLY A 161 -8.09 29.44 19.22
N ARG A 162 -6.83 29.37 19.68
CA ARG A 162 -5.80 30.41 19.46
C ARG A 162 -4.83 30.09 18.32
N TRP A 163 -4.89 28.86 17.79
CA TRP A 163 -4.00 28.44 16.70
C TRP A 163 -4.82 27.83 15.55
N THR A 164 -5.75 28.62 15.04
CA THR A 164 -6.78 28.17 14.10
C THR A 164 -6.17 28.11 12.69
N PRO A 165 -6.83 27.41 11.75
CA PRO A 165 -6.39 27.43 10.33
C PRO A 165 -6.32 28.81 9.65
N GLN A 166 -7.20 29.73 10.05
CA GLN A 166 -7.23 31.08 9.49
C GLN A 166 -6.05 31.92 10.00
N GLN A 167 -5.30 31.39 10.96
CA GLN A 167 -4.06 32.05 11.40
C GLN A 167 -2.82 31.51 10.65
N SER A 168 -3.04 30.77 9.57
CA SER A 168 -1.93 30.19 8.80
C SER A 168 -1.45 31.06 7.62
N ARG A 169 -1.84 32.34 7.57
CA ARG A 169 -1.41 33.19 6.46
C ARG A 169 0.02 33.73 6.72
N LEU A 170 0.91 33.66 5.72
CA LEU A 170 2.29 34.17 5.81
C LEU A 170 2.33 35.59 6.39
N HIS A 171 3.26 35.84 7.33
CA HIS A 171 3.41 37.13 8.04
C HIS A 171 2.21 37.50 8.91
N GLY A 172 1.33 36.54 9.21
CA GLY A 172 0.27 36.78 10.17
C GLY A 172 0.88 37.20 11.52
N ASP A 173 0.26 38.21 12.14
CA ASP A 173 0.78 38.74 13.42
C ASP A 173 0.31 37.96 14.66
N ASP A 174 -0.64 37.03 14.47
CA ASP A 174 -1.31 36.39 15.58
C ASP A 174 -1.14 34.87 15.56
N ASN A 175 -0.04 34.38 16.13
CA ASN A 175 0.25 32.95 16.26
C ASN A 175 0.31 32.25 14.87
N GLY A 176 -0.19 31.02 14.76
CA GLY A 176 -0.21 30.27 13.48
C GLY A 176 -1.20 29.13 13.59
N TRP A 177 -1.18 28.21 12.61
CA TRP A 177 -1.99 27.00 12.72
C TRP A 177 -1.23 25.93 13.52
N THR A 178 -1.91 25.42 14.55
CA THR A 178 -1.42 24.25 15.29
C THR A 178 -2.58 23.24 15.40
N PRO A 179 -2.28 21.94 15.20
CA PRO A 179 -3.31 20.90 15.37
C PRO A 179 -3.62 20.56 16.84
N ASN A 180 -4.64 19.74 17.03
CA ASN A 180 -5.05 19.30 18.35
C ASN A 180 -3.86 18.64 19.05
N LEU A 181 -3.25 17.66 18.38
CA LEU A 181 -2.09 16.94 18.88
C LEU A 181 -1.01 16.82 17.80
N ASP A 182 0.23 17.15 18.17
CA ASP A 182 1.35 17.20 17.23
C ASP A 182 1.80 15.79 16.84
N SER A 183 1.43 15.36 15.63
CA SER A 183 1.87 14.09 15.04
C SER A 183 2.06 14.32 13.55
N ASN A 184 2.52 13.31 12.82
CA ASN A 184 2.71 13.44 11.38
C ASN A 184 1.48 13.04 10.56
N LYS A 185 0.31 12.98 11.19
CA LYS A 185 -0.96 12.62 10.51
C LYS A 185 -1.90 13.80 10.34
N GLU A 186 -1.41 15.02 10.61
CA GLU A 186 -2.23 16.22 10.49
C GLU A 186 -1.94 16.96 9.19
N TYR A 187 -2.80 17.91 8.86
CA TYR A 187 -2.65 18.71 7.65
C TYR A 187 -3.41 20.04 7.76
N LEU A 188 -2.80 21.07 7.15
CA LEU A 188 -3.49 22.29 6.79
C LEU A 188 -3.97 22.14 5.35
N GLN A 189 -5.23 22.43 5.09
CA GLN A 189 -5.81 22.26 3.77
C GLN A 189 -6.30 23.59 3.20
N VAL A 190 -5.97 23.83 1.92
CA VAL A 190 -6.46 24.96 1.13
C VAL A 190 -7.24 24.51 -0.14
N ASP A 191 -8.49 24.94 -0.24
CA ASP A 191 -9.29 24.79 -1.45
C ASP A 191 -9.19 26.06 -2.31
N LEU A 192 -8.42 25.97 -3.39
CA LEU A 192 -8.28 27.02 -4.37
C LEU A 192 -9.50 27.24 -5.25
N ARG A 193 -10.52 26.39 -5.10
CA ARG A 193 -11.83 26.46 -5.82
C ARG A 193 -11.81 26.11 -7.33
N PHE A 194 -10.73 26.50 -8.02
CA PHE A 194 -10.57 26.26 -9.45
C PHE A 194 -9.24 25.60 -9.62
N LEU A 195 -9.14 24.83 -10.69
CA LEU A 195 -7.90 24.18 -11.06
C LEU A 195 -6.86 25.29 -11.36
N THR A 196 -5.68 25.17 -10.77
CA THR A 196 -4.70 26.27 -10.66
C THR A 196 -3.31 25.67 -10.74
N MET A 197 -2.34 26.38 -11.32
CA MET A 197 -0.95 25.88 -11.27
C MET A 197 -0.32 26.25 -9.93
N LEU A 198 0.30 25.27 -9.26
CA LEU A 198 1.10 25.48 -8.04
C LEU A 198 2.57 25.26 -8.37
N THR A 199 3.42 26.27 -8.13
CA THR A 199 4.86 26.14 -8.42
C THR A 199 5.81 26.22 -7.22
N ALA A 200 5.32 26.77 -6.10
CA ALA A 200 6.13 26.89 -4.88
C ALA A 200 5.26 27.06 -3.66
N ILE A 201 5.87 26.75 -2.51
CA ILE A 201 5.31 26.83 -1.18
C ILE A 201 6.31 27.60 -0.30
N ALA A 202 5.84 28.59 0.47
CA ALA A 202 6.66 29.26 1.49
C ALA A 202 6.04 29.05 2.86
N THR A 203 6.87 28.77 3.86
CA THR A 203 6.40 28.55 5.25
C THR A 203 7.17 29.35 6.31
N GLN A 204 6.47 29.59 7.42
CA GLN A 204 7.09 30.11 8.61
C GLN A 204 6.55 29.31 9.77
N GLY A 205 7.27 29.39 10.90
CA GLY A 205 6.75 28.93 12.15
C GLY A 205 5.93 30.05 12.75
N ALA A 206 5.95 30.18 14.06
CA ALA A 206 5.17 31.19 14.77
C ALA A 206 5.68 31.36 16.21
N ILE A 207 5.60 32.57 16.73
CA ILE A 207 6.02 32.88 18.10
C ILE A 207 4.78 33.13 18.93
N SER A 208 4.67 32.43 20.04
CA SER A 208 3.55 32.61 20.96
C SER A 208 3.53 34.05 21.52
N ARG A 209 2.46 34.79 21.22
CA ARG A 209 2.20 36.11 21.84
C ARG A 209 2.09 36.05 23.37
N GLU A 210 1.66 34.89 23.87
CA GLU A 210 1.37 34.65 25.28
C GLU A 210 2.61 34.26 26.08
N THR A 211 3.51 33.51 25.45
CA THR A 211 4.63 32.83 26.14
C THR A 211 6.05 33.12 25.60
N GLN A 212 6.14 33.63 24.36
CA GLN A 212 7.42 33.92 23.65
C GLN A 212 8.16 32.68 23.14
N ASN A 213 7.61 31.48 23.37
CA ASN A 213 8.21 30.27 22.80
C ASN A 213 8.04 30.28 21.27
N GLY A 214 9.10 29.89 20.58
CA GLY A 214 9.11 29.76 19.13
C GLY A 214 8.88 28.30 18.71
N TYR A 215 7.95 28.12 17.76
CA TYR A 215 7.50 26.81 17.31
C TYR A 215 7.57 26.79 15.78
N TYR A 216 8.12 25.73 15.20
CA TYR A 216 8.13 25.62 13.75
C TYR A 216 8.15 24.20 13.24
N VAL A 217 7.60 24.04 12.03
CA VAL A 217 7.71 22.82 11.26
C VAL A 217 9.10 22.78 10.57
N LYS A 218 9.81 21.65 10.67
CA LYS A 218 11.13 21.47 10.06
C LYS A 218 11.09 20.71 8.71
N SER A 219 10.07 19.87 8.52
CA SER A 219 9.82 19.24 7.25
C SER A 219 8.33 18.92 7.06
N TYR A 220 7.92 18.86 5.78
CA TYR A 220 6.54 18.53 5.43
C TYR A 220 6.46 17.75 4.13
N LYS A 221 5.34 17.08 3.93
CA LYS A 221 4.97 16.48 2.65
C LYS A 221 3.78 17.25 2.08
N LEU A 222 3.51 17.06 0.79
CA LEU A 222 2.47 17.77 0.07
C LEU A 222 1.51 16.74 -0.52
N GLU A 223 0.21 16.97 -0.35
CA GLU A 223 -0.83 16.10 -0.88
C GLU A 223 -1.88 16.92 -1.62
N VAL A 224 -2.20 16.54 -2.85
CA VAL A 224 -3.05 17.38 -3.73
C VAL A 224 -4.19 16.56 -4.39
N SER A 225 -5.28 17.24 -4.80
CA SER A 225 -6.46 16.61 -5.45
C SER A 225 -7.16 17.58 -6.38
N THR A 226 -7.78 17.08 -7.44
CA THR A 226 -8.61 17.91 -8.29
C THR A 226 -10.05 18.03 -7.76
N ASN A 227 -10.44 17.18 -6.82
CA ASN A 227 -11.83 17.02 -6.46
C ASN A 227 -12.13 16.86 -4.98
N GLY A 228 -11.10 16.76 -4.14
CA GLY A 228 -11.30 16.58 -2.71
C GLY A 228 -11.45 15.15 -2.21
N GLU A 229 -11.39 14.19 -3.12
CA GLU A 229 -11.68 12.80 -2.81
C GLU A 229 -10.50 11.89 -3.24
N ASP A 230 -9.93 12.14 -4.41
CA ASP A 230 -8.73 11.44 -4.92
C ASP A 230 -7.48 12.29 -4.68
N TRP A 231 -6.55 11.79 -3.88
CA TRP A 231 -5.42 12.53 -3.33
C TRP A 231 -4.15 11.90 -3.87
N MET A 232 -3.10 12.72 -4.02
CA MET A 232 -1.79 12.25 -4.45
C MET A 232 -0.81 12.85 -3.51
N VAL A 233 0.02 12.05 -2.86
CA VAL A 233 1.14 12.61 -2.13
C VAL A 233 2.24 12.91 -3.17
N TYR A 234 2.73 14.14 -3.20
CA TYR A 234 3.75 14.55 -4.17
C TYR A 234 5.06 13.76 -3.99
N ARG A 235 5.60 13.28 -5.11
CA ARG A 235 6.84 12.51 -5.13
C ARG A 235 8.01 13.26 -5.78
N HIS A 236 9.22 12.91 -5.34
CA HIS A 236 10.44 13.19 -6.09
C HIS A 236 11.09 11.83 -6.35
N GLY A 237 10.86 11.27 -7.54
CA GLY A 237 11.34 9.94 -7.89
C GLY A 237 10.41 8.85 -7.40
N LYS A 238 10.97 7.78 -6.82
CA LYS A 238 10.18 6.68 -6.26
C LYS A 238 9.38 7.13 -5.04
N ASN A 239 10.04 7.90 -4.18
CA ASN A 239 9.54 8.20 -2.86
C ASN A 239 8.84 9.55 -2.76
N HIS A 240 7.99 9.64 -1.76
CA HIS A 240 7.37 10.89 -1.35
C HIS A 240 8.46 11.94 -1.21
N LYS A 241 8.17 13.14 -1.68
CA LYS A 241 9.07 14.27 -1.50
C LYS A 241 8.91 14.82 -0.08
N VAL A 242 10.02 14.98 0.63
CA VAL A 242 10.04 15.65 1.92
C VAL A 242 10.69 17.02 1.71
N PHE A 243 9.89 18.06 1.88
CA PHE A 243 10.33 19.41 1.75
C PHE A 243 10.96 19.81 3.06
N GLN A 244 12.16 20.35 3.01
CA GLN A 244 12.79 20.90 4.21
C GLN A 244 12.17 22.27 4.43
N ALA A 245 11.81 22.58 5.67
CA ALA A 245 11.10 23.79 5.97
C ALA A 245 11.98 24.70 6.89
N ASN A 246 11.48 25.02 8.06
CA ASN A 246 12.02 26.11 8.83
C ASN A 246 13.09 25.72 9.83
N ASN A 247 13.91 26.71 10.18
CA ASN A 247 15.00 26.58 11.17
C ASN A 247 14.91 27.67 12.22
N ASP A 248 13.80 28.40 12.20
CA ASP A 248 13.49 29.38 13.23
C ASP A 248 11.98 29.62 13.10
N ALA A 249 11.43 30.45 13.99
CA ALA A 249 9.99 30.66 14.05
C ALA A 249 9.53 31.95 13.36
N THR A 250 10.44 32.65 12.67
CA THR A 250 10.14 33.95 12.05
C THR A 250 10.51 34.10 10.56
N GLU A 251 11.57 33.43 10.11
CA GLU A 251 12.01 33.55 8.71
C GLU A 251 11.24 32.62 7.73
N VAL A 252 10.98 33.16 6.54
CA VAL A 252 10.28 32.50 5.47
C VAL A 252 11.25 31.57 4.73
N VAL A 253 10.87 30.29 4.55
CA VAL A 253 11.65 29.38 3.71
C VAL A 253 10.74 29.00 2.52
N LEU A 254 11.20 29.30 1.30
CA LEU A 254 10.47 28.97 0.09
C LEU A 254 11.06 27.72 -0.61
N ASN A 255 10.18 26.80 -1.01
CA ASN A 255 10.56 25.62 -1.80
C ASN A 255 9.90 25.67 -3.18
N LYS A 256 10.71 25.68 -4.23
CA LYS A 256 10.23 25.57 -5.59
C LYS A 256 10.03 24.09 -5.94
N LEU A 257 8.85 23.76 -6.48
CA LEU A 257 8.54 22.38 -6.87
C LEU A 257 9.37 22.02 -8.10
N HIS A 258 10.08 20.90 -8.01
CA HIS A 258 10.89 20.40 -9.13
C HIS A 258 10.03 20.14 -10.36
N ALA A 259 8.76 19.79 -10.15
CA ALA A 259 7.79 19.64 -11.21
C ALA A 259 6.46 20.29 -10.79
N PRO A 260 6.11 21.43 -11.42
CA PRO A 260 4.86 22.14 -11.10
C PRO A 260 3.62 21.26 -11.27
N LEU A 261 2.55 21.65 -10.58
CA LEU A 261 1.36 20.82 -10.37
C LEU A 261 0.06 21.53 -10.72
N LEU A 262 -0.78 20.86 -11.48
CA LEU A 262 -2.11 21.37 -11.77
C LEU A 262 -3.06 20.78 -10.75
N THR A 263 -3.62 21.64 -9.88
CA THR A 263 -4.43 21.16 -8.76
C THR A 263 -5.55 22.11 -8.31
N ARG A 264 -6.43 21.60 -7.44
CA ARG A 264 -7.44 22.39 -6.75
C ARG A 264 -7.26 22.46 -5.24
N PHE A 265 -7.07 21.30 -4.62
CA PHE A 265 -6.89 21.19 -3.19
C PHE A 265 -5.42 20.87 -2.88
N VAL A 266 -4.87 21.55 -1.90
CA VAL A 266 -3.48 21.44 -1.47
C VAL A 266 -3.53 21.13 0.03
N ARG A 267 -2.81 20.10 0.45
CA ARG A 267 -2.58 19.86 1.88
C ARG A 267 -1.10 19.93 2.22
N ILE A 268 -0.78 20.66 3.30
CA ILE A 268 0.55 20.67 3.87
C ILE A 268 0.55 19.73 5.06
N ARG A 269 1.43 18.73 5.04
CA ARG A 269 1.40 17.66 6.01
C ARG A 269 2.71 17.61 6.81
N PRO A 270 2.77 18.29 7.97
CA PRO A 270 4.05 18.31 8.76
C PRO A 270 4.59 16.94 9.15
N GLN A 271 5.91 16.76 9.00
CA GLN A 271 6.56 15.49 9.32
C GLN A 271 7.48 15.59 10.54
N THR A 272 8.22 16.71 10.64
CA THR A 272 9.02 17.05 11.82
C THR A 272 8.78 18.51 12.24
N TRP A 273 9.10 18.81 13.49
CA TRP A 273 8.93 20.16 14.03
C TRP A 273 9.91 20.46 15.18
N HIS A 274 10.00 21.73 15.57
CA HIS A 274 10.75 22.12 16.75
C HIS A 274 9.80 22.58 17.83
N SER A 275 9.84 21.90 18.97
CA SER A 275 8.96 22.17 20.12
C SER A 275 7.50 21.84 19.83
N GLY A 276 7.02 22.16 18.63
CA GLY A 276 5.66 21.85 18.24
C GLY A 276 5.27 22.41 16.87
N ILE A 277 4.21 21.87 16.30
CA ILE A 277 3.72 22.30 15.00
C ILE A 277 3.06 23.67 15.10
N ALA A 278 3.69 24.65 14.47
CA ALA A 278 3.05 25.94 14.16
C ALA A 278 3.37 26.30 12.71
N LEU A 279 2.36 26.76 11.98
CA LEU A 279 2.50 27.01 10.55
C LEU A 279 1.85 28.30 10.06
N ARG A 280 2.66 29.06 9.30
CA ARG A 280 2.19 30.16 8.45
C ARG A 280 2.65 29.89 6.99
N LEU A 281 1.80 30.19 6.03
CA LEU A 281 1.94 29.63 4.71
C LEU A 281 1.59 30.61 3.58
N GLU A 282 2.32 30.51 2.47
CA GLU A 282 1.93 31.09 1.20
C GLU A 282 2.13 30.05 0.07
N LEU A 283 1.27 30.14 -0.95
CA LEU A 283 1.30 29.26 -2.11
C LEU A 283 1.61 30.15 -3.34
N PHE A 284 2.35 29.62 -4.31
CA PHE A 284 2.75 30.42 -5.48
C PHE A 284 2.43 29.67 -6.73
N GLY A 285 2.04 30.38 -7.78
CA GLY A 285 1.62 29.73 -9.02
C GLY A 285 0.95 30.69 -9.98
N CYS A 286 -0.04 30.19 -10.72
CA CYS A 286 -0.80 31.00 -11.70
C CYS A 286 -2.05 30.27 -12.23
N ARG A 287 -2.78 30.95 -13.10
CA ARG A 287 -3.87 30.33 -13.85
C ARG A 287 -3.34 29.68 -15.09
N VAL A 288 -4.02 28.64 -15.53
CA VAL A 288 -3.64 27.95 -16.77
C VAL A 288 -3.64 28.95 -17.95
N THR A 289 -4.61 29.86 -17.93
CA THR A 289 -4.77 30.87 -18.98
C THR A 289 -3.76 32.03 -18.92
N ASP A 290 -2.94 32.12 -17.88
CA ASP A 290 -1.92 33.17 -17.85
C ASP A 290 -0.85 33.01 -18.91
N ALA A 291 -0.61 31.78 -19.37
CA ALA A 291 0.27 31.56 -20.50
C ALA A 291 -0.47 31.97 -21.79
N PRO A 292 0.26 32.45 -22.80
CA PRO A 292 -0.44 32.89 -24.00
C PRO A 292 -1.04 31.73 -24.78
N CYS A 293 -2.19 31.98 -25.42
CA CYS A 293 -2.97 30.96 -26.17
C CYS A 293 -3.18 29.67 -25.38
N SER A 294 -3.67 29.80 -24.16
CA SER A 294 -3.72 28.68 -23.22
C SER A 294 -5.08 28.65 -22.53
N ASN A 295 -6.13 28.89 -23.32
CA ASN A 295 -7.51 28.80 -22.84
C ASN A 295 -7.95 27.36 -22.89
N MET A 296 -8.75 26.96 -21.91
CA MET A 296 -9.31 25.60 -21.88
C MET A 296 -10.53 25.60 -22.78
N LEU A 297 -10.58 24.70 -23.75
CA LEU A 297 -11.47 24.90 -24.91
C LEU A 297 -12.89 24.38 -24.77
N GLY A 298 -13.17 23.71 -23.65
CA GLY A 298 -14.55 23.36 -23.30
C GLY A 298 -14.88 21.98 -22.80
N MET A 299 -13.91 21.08 -22.66
CA MET A 299 -14.19 19.76 -22.07
C MET A 299 -14.55 19.88 -20.61
N LEU A 300 -13.73 20.59 -19.85
CA LEU A 300 -13.97 20.77 -18.43
C LEU A 300 -15.31 21.47 -18.18
N SER A 301 -15.49 22.64 -18.80
CA SER A 301 -16.68 23.47 -18.62
C SER A 301 -18.00 22.94 -19.18
N GLY A 302 -17.93 22.18 -20.27
CA GLY A 302 -19.12 21.76 -20.97
C GLY A 302 -19.54 22.61 -22.15
N LEU A 303 -18.77 23.66 -22.47
CA LEU A 303 -18.94 24.41 -23.72
C LEU A 303 -18.55 23.60 -24.99
N ILE A 304 -17.81 22.50 -24.83
CA ILE A 304 -17.76 21.44 -25.85
C ILE A 304 -18.86 20.42 -25.51
N ALA A 305 -19.91 20.34 -26.31
CA ALA A 305 -21.06 19.48 -26.02
C ALA A 305 -20.73 17.99 -26.17
N ASP A 306 -21.54 17.10 -25.61
CA ASP A 306 -21.32 15.64 -25.76
C ASP A 306 -21.18 15.20 -27.21
N SER A 307 -21.94 15.82 -28.10
CA SER A 307 -22.00 15.38 -29.51
C SER A 307 -20.67 15.58 -30.17
N GLN A 308 -19.87 16.48 -29.59
CA GLN A 308 -18.57 16.82 -30.12
C GLN A 308 -17.45 15.86 -29.63
N ILE A 309 -17.80 14.91 -28.77
CA ILE A 309 -16.83 13.98 -28.16
C ILE A 309 -17.06 12.57 -28.71
N SER A 310 -16.00 11.95 -29.23
CA SER A 310 -16.10 10.60 -29.77
C SER A 310 -14.76 9.87 -29.66
N ALA A 311 -14.78 8.58 -30.01
CA ALA A 311 -13.65 7.68 -29.75
C ALA A 311 -13.59 6.58 -30.82
N SER A 312 -12.47 5.88 -30.89
CA SER A 312 -12.34 4.73 -31.79
C SER A 312 -13.30 3.63 -31.35
N SER A 313 -13.36 3.42 -30.04
CA SER A 313 -14.25 2.46 -29.43
C SER A 313 -14.53 2.94 -28.02
N THR A 314 -15.54 2.35 -27.41
CA THR A 314 -16.07 2.79 -26.16
C THR A 314 -16.47 1.53 -25.44
N GLN A 315 -16.54 1.58 -24.12
CA GLN A 315 -17.17 0.51 -23.35
C GLN A 315 -18.59 0.30 -23.86
N GLU A 316 -18.99 -0.96 -24.03
CA GLU A 316 -20.28 -1.30 -24.63
C GLU A 316 -21.53 -0.89 -23.83
N TYR A 317 -21.44 -0.87 -22.50
CA TYR A 317 -22.59 -0.46 -21.65
C TYR A 317 -22.26 0.76 -20.78
N LEU A 318 -23.25 1.63 -20.59
CA LEU A 318 -23.17 2.75 -19.63
C LEU A 318 -22.12 3.83 -19.96
N TRP A 319 -21.87 4.02 -21.25
CA TRP A 319 -21.02 5.11 -21.75
C TRP A 319 -21.81 6.40 -21.96
N SER A 320 -21.31 7.50 -21.42
CA SER A 320 -21.74 8.85 -21.82
C SER A 320 -20.51 9.66 -22.23
N PRO A 321 -20.60 10.42 -23.33
CA PRO A 321 -19.39 11.13 -23.77
C PRO A 321 -18.77 12.02 -22.67
N SER A 322 -19.59 12.52 -21.76
CA SER A 322 -19.14 13.27 -20.59
C SER A 322 -18.17 12.53 -19.66
N ALA A 323 -18.07 11.20 -19.78
CA ALA A 323 -17.09 10.44 -19.03
C ALA A 323 -15.64 10.82 -19.36
N ALA A 324 -15.43 11.46 -20.52
CA ALA A 324 -14.09 11.83 -21.01
C ALA A 324 -13.59 13.17 -20.52
N ARG A 325 -14.42 13.90 -19.78
CA ARG A 325 -14.15 15.29 -19.49
C ARG A 325 -13.17 15.43 -18.32
N LEU A 326 -12.13 16.21 -18.55
CA LEU A 326 -11.18 16.57 -17.49
C LEU A 326 -11.92 16.97 -16.24
N VAL A 327 -11.54 16.35 -15.13
CA VAL A 327 -11.95 16.72 -13.78
C VAL A 327 -13.43 16.45 -13.45
N SER A 328 -14.36 16.97 -14.25
CA SER A 328 -15.79 16.77 -13.97
C SER A 328 -16.22 15.33 -14.09
N SER A 329 -15.62 14.57 -15.00
CA SER A 329 -16.04 13.17 -15.12
C SER A 329 -15.74 12.39 -13.85
N ARG A 330 -16.66 11.51 -13.48
CA ARG A 330 -16.52 10.63 -12.33
C ARG A 330 -15.87 9.29 -12.67
N SER A 331 -15.44 9.13 -13.92
CA SER A 331 -14.82 7.88 -14.34
C SER A 331 -13.75 8.20 -15.38
N GLY A 332 -14.05 7.98 -16.65
CA GLY A 332 -13.08 8.17 -17.72
C GLY A 332 -13.55 7.54 -19.02
N TRP A 333 -12.88 7.90 -20.12
CA TRP A 333 -13.00 7.13 -21.34
C TRP A 333 -12.17 5.87 -21.20
N PHE A 334 -12.76 4.73 -21.56
CA PHE A 334 -12.08 3.41 -21.66
C PHE A 334 -12.44 2.85 -23.02
N PRO A 335 -11.44 2.38 -23.80
CA PRO A 335 -11.84 1.74 -25.05
C PRO A 335 -12.62 0.43 -24.75
N ARG A 336 -13.12 -0.24 -25.78
CA ARG A 336 -13.92 -1.44 -25.56
C ARG A 336 -13.08 -2.55 -24.92
N ILE A 337 -11.84 -2.71 -25.36
CA ILE A 337 -10.87 -3.58 -24.69
C ILE A 337 -9.69 -2.69 -24.23
N PRO A 338 -9.72 -2.23 -22.96
CA PRO A 338 -8.70 -1.30 -22.45
C PRO A 338 -7.23 -1.77 -22.53
N GLN A 339 -7.02 -3.09 -22.57
CA GLN A 339 -5.71 -3.66 -22.92
C GLN A 339 -5.62 -3.74 -24.44
N ALA A 340 -5.41 -2.57 -25.05
CA ALA A 340 -5.55 -2.41 -26.49
C ALA A 340 -4.21 -2.58 -27.22
N GLN A 341 -4.24 -2.33 -28.52
CA GLN A 341 -3.02 -2.27 -29.32
C GLN A 341 -2.54 -0.81 -29.38
N PRO A 342 -1.26 -0.56 -29.05
CA PRO A 342 -0.69 0.78 -29.17
C PRO A 342 -0.99 1.47 -30.50
N GLY A 343 -1.52 2.70 -30.40
CA GLY A 343 -1.80 3.52 -31.58
C GLY A 343 -3.11 3.25 -32.31
N GLU A 344 -3.86 2.23 -31.88
CA GLU A 344 -5.15 1.84 -32.50
C GLU A 344 -6.34 2.60 -31.93
N GLU A 345 -6.29 2.92 -30.63
CA GLU A 345 -7.41 3.60 -29.97
C GLU A 345 -7.15 5.10 -29.89
N TRP A 346 -8.22 5.89 -29.93
CA TRP A 346 -8.11 7.34 -29.87
C TRP A 346 -9.32 7.96 -29.24
N LEU A 347 -9.13 9.08 -28.58
CA LEU A 347 -10.21 9.90 -28.12
C LEU A 347 -10.19 11.20 -28.96
N GLN A 348 -11.32 11.54 -29.60
CA GLN A 348 -11.46 12.73 -30.43
C GLN A 348 -12.30 13.88 -29.82
N VAL A 349 -11.81 15.10 -29.99
CA VAL A 349 -12.52 16.29 -29.58
C VAL A 349 -12.70 17.19 -30.82
N ASP A 350 -13.96 17.51 -31.10
CA ASP A 350 -14.39 18.48 -32.08
C ASP A 350 -14.60 19.81 -31.33
N LEU A 351 -13.71 20.74 -31.61
CA LEU A 351 -13.68 22.02 -30.97
C LEU A 351 -14.81 22.95 -31.46
N GLY A 352 -15.59 22.54 -32.47
CA GLY A 352 -16.78 23.30 -32.92
C GLY A 352 -16.53 24.33 -34.03
N THR A 353 -15.31 24.90 -34.02
CA THR A 353 -14.83 25.85 -35.01
C THR A 353 -13.31 25.70 -35.05
N PRO A 354 -12.68 26.08 -36.17
CA PRO A 354 -11.22 26.05 -36.15
C PRO A 354 -10.56 26.92 -35.10
N LYS A 355 -9.46 26.39 -34.54
CA LYS A 355 -8.73 26.98 -33.44
C LYS A 355 -7.23 26.93 -33.69
N THR A 356 -6.47 27.77 -33.00
CA THR A 356 -5.05 27.52 -32.78
C THR A 356 -4.97 26.65 -31.52
N VAL A 357 -4.37 25.48 -31.64
CA VAL A 357 -4.24 24.56 -30.53
C VAL A 357 -2.78 24.48 -30.09
N LYS A 358 -2.55 24.66 -28.79
CA LYS A 358 -1.21 24.70 -28.22
C LYS A 358 -0.92 23.64 -27.14
N GLY A 359 -1.94 22.89 -26.72
CA GLY A 359 -1.69 21.73 -25.88
C GLY A 359 -2.93 20.94 -25.50
N VAL A 360 -2.71 19.91 -24.71
CA VAL A 360 -3.77 19.16 -24.05
C VAL A 360 -3.45 19.08 -22.56
N ILE A 361 -4.50 18.83 -21.79
CA ILE A 361 -4.39 18.42 -20.40
C ILE A 361 -4.94 16.99 -20.34
N ILE A 362 -4.09 16.04 -19.95
CA ILE A 362 -4.46 14.65 -19.90
C ILE A 362 -4.57 14.27 -18.42
N GLN A 363 -5.51 13.39 -18.14
CA GLN A 363 -5.79 12.93 -16.79
C GLN A 363 -6.09 11.45 -16.86
N GLY A 364 -5.91 10.73 -15.76
CA GLY A 364 -6.28 9.31 -15.68
C GLY A 364 -7.77 9.11 -15.45
N ALA A 365 -8.19 7.86 -15.31
CA ALA A 365 -9.56 7.49 -14.95
C ALA A 365 -9.72 7.26 -13.44
N ARG A 366 -10.82 7.71 -12.87
CA ARG A 366 -11.11 7.47 -11.46
C ARG A 366 -12.24 6.45 -11.27
N GLY A 367 -12.71 6.31 -10.03
CA GLY A 367 -13.84 5.42 -9.69
C GLY A 367 -13.35 4.04 -9.32
N GLY A 368 -14.21 3.27 -8.64
CA GLY A 368 -13.86 1.93 -8.14
C GLY A 368 -13.15 1.99 -6.80
N ILE A 371 -9.40 5.84 -4.28
CA ILE A 371 -8.98 4.52 -4.76
C ILE A 371 -8.16 3.79 -3.68
N THR A 372 -8.46 2.50 -3.52
CA THR A 372 -7.81 1.62 -2.54
C THR A 372 -6.78 0.63 -3.16
N ALA A 373 -6.94 0.30 -4.45
CA ALA A 373 -6.04 -0.67 -5.11
C ALA A 373 -5.18 0.01 -6.18
N VAL A 374 -3.85 -0.04 -5.99
CA VAL A 374 -2.87 0.61 -6.89
C VAL A 374 -2.94 0.06 -8.33
N GLU A 375 -3.07 -1.26 -8.45
CA GLU A 375 -3.14 -1.93 -9.74
C GLU A 375 -4.51 -1.77 -10.43
N ALA A 376 -5.52 -1.32 -9.68
CA ALA A 376 -6.84 -0.95 -10.22
C ALA A 376 -6.88 0.38 -11.01
N ARG A 377 -5.80 1.15 -10.96
CA ARG A 377 -5.86 2.53 -11.45
C ARG A 377 -5.48 2.55 -12.91
N ALA A 378 -6.38 3.12 -13.71
CA ALA A 378 -6.21 3.18 -15.16
C ALA A 378 -5.77 4.58 -15.56
N PHE A 379 -4.60 4.67 -16.21
CA PHE A 379 -4.12 5.94 -16.75
C PHE A 379 -3.15 5.75 -17.90
N VAL A 380 -3.14 6.72 -18.82
CA VAL A 380 -2.19 6.73 -19.93
C VAL A 380 -0.83 7.31 -19.53
N ARG A 381 0.25 6.58 -19.88
CA ARG A 381 1.64 6.95 -19.59
C ARG A 381 2.36 7.59 -20.78
N LYS A 382 2.04 7.19 -22.01
CA LYS A 382 2.59 7.81 -23.23
C LYS A 382 1.49 7.89 -24.29
N PHE A 383 1.54 8.92 -25.12
CA PHE A 383 0.53 9.11 -26.14
C PHE A 383 1.05 9.90 -27.34
N LYS A 384 0.33 9.77 -28.46
CA LYS A 384 0.47 10.62 -29.66
C LYS A 384 -0.77 11.55 -29.81
N VAL A 385 -0.59 12.62 -30.58
CA VAL A 385 -1.65 13.55 -30.95
C VAL A 385 -1.67 13.71 -32.48
N SER A 386 -2.86 13.67 -33.06
CA SER A 386 -3.08 14.13 -34.42
C SER A 386 -4.19 15.18 -34.43
N TYR A 387 -4.24 15.95 -35.51
CA TYR A 387 -5.16 17.05 -35.65
C TYR A 387 -5.66 17.23 -37.09
N SER A 388 -6.76 17.94 -37.23
CA SER A 388 -7.43 18.02 -38.53
C SER A 388 -8.27 19.25 -38.57
N LEU A 389 -8.41 19.83 -39.75
CA LEU A 389 -9.38 20.90 -39.98
C LEU A 389 -10.56 20.31 -40.75
N ASN A 390 -10.25 19.31 -41.58
CA ASN A 390 -11.19 18.48 -42.35
C ASN A 390 -12.17 17.63 -41.53
N GLY A 391 -11.66 16.97 -40.49
CA GLY A 391 -12.35 15.85 -39.84
C GLY A 391 -12.12 14.52 -40.57
N LYS A 392 -11.31 14.58 -41.64
CA LYS A 392 -11.10 13.49 -42.61
C LYS A 392 -9.61 13.25 -42.92
N ASP A 393 -8.86 14.32 -43.16
CA ASP A 393 -7.40 14.24 -43.32
C ASP A 393 -6.67 14.64 -42.00
N TRP A 394 -5.85 13.71 -41.48
CA TRP A 394 -5.19 13.81 -40.18
C TRP A 394 -3.66 13.88 -40.29
N GLU A 395 -3.07 14.87 -39.61
CA GLU A 395 -1.62 15.01 -39.46
C GLU A 395 -1.24 14.74 -37.99
N TYR A 396 -0.18 13.98 -37.77
CA TYR A 396 0.39 13.79 -36.44
C TYR A 396 1.37 14.93 -36.09
N ILE A 397 1.47 15.21 -34.79
CA ILE A 397 2.45 16.19 -34.30
C ILE A 397 3.80 15.51 -34.30
N GLN A 398 4.80 16.20 -34.87
CA GLN A 398 6.11 15.60 -35.19
C GLN A 398 7.20 15.91 -34.15
N ASP A 399 8.09 14.92 -33.97
CA ASP A 399 9.32 15.10 -33.19
C ASP A 399 10.38 15.64 -34.16
N PRO A 400 10.96 16.84 -33.88
CA PRO A 400 12.00 17.38 -34.76
C PRO A 400 13.26 16.50 -34.88
N ARG A 401 13.51 15.69 -33.85
CA ARG A 401 14.65 14.78 -33.85
C ARG A 401 14.39 13.54 -34.69
N THR A 402 13.40 12.74 -34.30
CA THR A 402 13.14 11.44 -34.95
C THR A 402 12.34 11.53 -36.26
N GLN A 403 11.95 12.76 -36.65
CA GLN A 403 11.18 13.00 -37.88
C GLN A 403 9.93 12.10 -37.97
N GLN A 404 9.25 11.93 -36.84
CA GLN A 404 8.13 11.01 -36.73
C GLN A 404 7.16 11.47 -35.65
N PRO A 405 5.94 10.89 -35.59
CA PRO A 405 4.98 11.23 -34.54
C PRO A 405 5.63 11.33 -33.16
N LYS A 406 5.47 12.48 -32.52
CA LYS A 406 6.03 12.72 -31.19
C LYS A 406 5.33 11.88 -30.09
N LEU A 407 6.13 11.23 -29.26
CA LEU A 407 5.66 10.44 -28.12
C LEU A 407 5.63 11.32 -26.87
N PHE A 408 4.43 11.79 -26.50
CA PHE A 408 4.23 12.67 -25.34
C PHE A 408 4.17 11.89 -24.04
N GLU A 409 4.83 12.42 -23.00
CA GLU A 409 4.72 11.86 -21.66
C GLU A 409 3.26 12.05 -21.18
N GLY A 410 2.71 11.02 -20.56
CA GLY A 410 1.38 11.05 -19.98
C GLY A 410 1.42 11.32 -18.49
N ASN A 411 0.64 10.55 -17.73
CA ASN A 411 0.45 10.80 -16.30
C ASN A 411 1.22 9.77 -15.48
N MET A 412 1.47 10.08 -14.21
CA MET A 412 2.06 9.13 -13.26
C MET A 412 1.05 8.78 -12.14
N HIS A 413 -0.19 9.18 -12.31
CA HIS A 413 -1.22 9.06 -11.29
C HIS A 413 -2.56 9.22 -11.99
N TYR A 414 -3.61 8.67 -11.39
CA TYR A 414 -4.94 8.64 -12.02
C TYR A 414 -5.79 9.93 -11.89
N ASP A 415 -5.47 10.80 -10.93
CA ASP A 415 -6.25 12.03 -10.71
C ASP A 415 -5.50 13.31 -11.11
N THR A 416 -4.23 13.39 -10.76
CA THR A 416 -3.45 14.62 -10.98
C THR A 416 -3.15 14.75 -12.48
N PRO A 417 -3.69 15.81 -13.12
CA PRO A 417 -3.56 16.01 -14.55
C PRO A 417 -2.21 16.58 -14.93
N ASP A 418 -1.88 16.49 -16.22
CA ASP A 418 -0.58 16.98 -16.72
C ASP A 418 -0.79 17.74 -18.02
N ILE A 419 -0.23 18.95 -18.08
CA ILE A 419 -0.31 19.80 -19.26
C ILE A 419 0.85 19.46 -20.17
N ARG A 420 0.56 19.18 -21.45
CA ARG A 420 1.57 18.90 -22.45
C ARG A 420 1.33 19.83 -23.62
N ARG A 421 2.19 20.83 -23.73
CA ARG A 421 2.15 21.81 -24.79
C ARG A 421 3.02 21.38 -25.96
N PHE A 422 2.70 21.96 -27.11
CA PHE A 422 3.45 21.73 -28.33
C PHE A 422 3.48 22.99 -29.20
N ASP A 423 4.19 22.95 -30.32
CA ASP A 423 4.20 24.08 -31.26
C ASP A 423 2.79 24.23 -31.84
N PRO A 424 2.28 25.48 -31.87
CA PRO A 424 0.88 25.74 -32.23
C PRO A 424 0.53 25.23 -33.61
N ILE A 425 -0.73 24.82 -33.77
CA ILE A 425 -1.19 24.14 -34.97
C ILE A 425 -2.64 24.54 -35.20
N PRO A 426 -3.05 24.66 -36.46
CA PRO A 426 -4.44 24.95 -36.78
C PRO A 426 -5.26 23.67 -36.77
N ALA A 427 -6.36 23.65 -36.02
CA ALA A 427 -7.16 22.43 -35.88
C ALA A 427 -8.58 22.71 -35.50
N GLN A 428 -9.51 21.94 -36.06
CA GLN A 428 -10.83 21.84 -35.52
C GLN A 428 -10.97 20.56 -34.70
N TYR A 429 -10.25 19.51 -35.07
CA TYR A 429 -10.33 18.22 -34.40
C TYR A 429 -8.96 17.80 -33.86
N VAL A 430 -8.98 17.17 -32.68
CA VAL A 430 -7.78 16.65 -32.08
C VAL A 430 -8.07 15.22 -31.64
N ARG A 431 -7.10 14.33 -31.89
CA ARG A 431 -7.12 12.96 -31.39
C ARG A 431 -5.92 12.68 -30.52
N VAL A 432 -6.14 12.03 -29.39
CA VAL A 432 -5.08 11.57 -28.51
C VAL A 432 -5.09 10.05 -28.56
N TYR A 433 -3.95 9.52 -28.92
CA TYR A 433 -3.77 8.10 -29.19
C TYR A 433 -2.91 7.54 -28.04
N PRO A 434 -3.52 6.77 -27.12
CA PRO A 434 -2.73 6.17 -26.06
C PRO A 434 -1.75 5.15 -26.66
N GLU A 435 -0.52 5.16 -26.17
CA GLU A 435 0.59 4.30 -26.61
C GLU A 435 1.06 3.38 -25.46
N ARG A 436 1.40 3.96 -24.32
CA ARG A 436 1.68 3.19 -23.09
C ARG A 436 0.64 3.51 -22.01
N TRP A 437 0.50 2.62 -21.02
CA TRP A 437 -0.55 2.75 -20.00
C TRP A 437 -0.35 1.82 -18.79
N SER A 438 -1.00 2.16 -17.68
CA SER A 438 -0.88 1.42 -16.42
C SER A 438 -1.39 -0.02 -16.59
N PRO A 439 -1.02 -0.94 -15.68
CA PRO A 439 -1.45 -2.34 -15.75
C PRO A 439 -2.98 -2.58 -15.90
N ALA A 440 -3.81 -1.70 -15.33
CA ALA A 440 -5.27 -1.78 -15.48
C ALA A 440 -5.75 -1.47 -16.90
N GLY A 441 -4.88 -0.93 -17.75
CA GLY A 441 -5.27 -0.53 -19.11
C GLY A 441 -5.48 0.96 -19.32
N ILE A 442 -5.96 1.30 -20.52
CA ILE A 442 -6.22 2.68 -20.87
C ILE A 442 -7.42 3.20 -20.12
N GLY A 443 -7.25 4.38 -19.53
CA GLY A 443 -8.30 5.17 -18.88
C GLY A 443 -7.87 6.62 -18.97
N MET A 444 -8.75 7.53 -19.38
CA MET A 444 -8.33 8.87 -19.74
C MET A 444 -9.43 9.87 -19.64
N ARG A 445 -9.08 11.04 -19.11
CA ARG A 445 -9.94 12.24 -19.19
C ARG A 445 -9.10 13.35 -19.87
N LEU A 446 -9.74 14.35 -20.47
CA LEU A 446 -9.04 15.25 -21.39
C LEU A 446 -9.63 16.67 -21.48
N GLU A 447 -8.74 17.63 -21.71
CA GLU A 447 -9.07 18.97 -22.14
C GLU A 447 -8.06 19.40 -23.24
N VAL A 448 -8.48 20.31 -24.11
CA VAL A 448 -7.62 20.85 -25.17
C VAL A 448 -7.36 22.36 -24.89
N LEU A 449 -6.13 22.82 -25.12
CA LEU A 449 -5.75 24.20 -24.83
C LEU A 449 -5.50 24.98 -26.11
N GLY A 450 -6.00 26.20 -26.19
CA GLY A 450 -5.66 27.03 -27.31
C GLY A 450 -6.34 28.35 -27.29
N CYS A 451 -6.74 28.79 -28.47
CA CYS A 451 -7.27 30.12 -28.71
C CYS A 451 -7.81 30.21 -30.15
N ASP A 452 -8.23 31.38 -30.58
CA ASP A 452 -8.74 31.55 -31.93
C ASP A 452 -7.70 31.20 -33.00
N TRP A 453 -8.17 30.52 -34.04
CA TRP A 453 -7.41 30.40 -35.29
C TRP A 453 -7.04 31.76 -35.82
N THR A 454 -5.77 31.94 -36.22
CA THR A 454 -5.32 33.13 -36.98
C THR A 454 -4.25 32.77 -38.03
N ASP B 7 0.16 -3.15 34.61
CA ASP B 7 0.37 -2.46 33.30
C ASP B 7 -0.56 -3.04 32.22
N CYS B 8 -0.19 -2.88 30.94
CA CYS B 8 -0.97 -3.36 29.79
C CYS B 8 -0.89 -4.89 29.61
N SER B 9 0.31 -5.43 29.82
CA SER B 9 0.65 -6.82 29.48
C SER B 9 0.00 -7.90 30.35
N LYS B 10 -0.36 -9.03 29.74
CA LYS B 10 -0.97 -10.16 30.46
C LYS B 10 -0.41 -11.51 29.99
N ASN B 11 -0.34 -12.46 30.94
CA ASN B 11 0.02 -13.87 30.68
C ASN B 11 -1.20 -14.79 30.76
N PHE B 12 -1.22 -15.86 29.97
CA PHE B 12 -2.39 -16.76 29.86
C PHE B 12 -1.97 -18.23 29.93
N THR B 13 -2.45 -18.94 30.97
CA THR B 13 -2.15 -20.37 31.16
C THR B 13 -3.39 -21.28 31.25
N SER B 14 -4.57 -20.68 31.43
CA SER B 14 -5.84 -21.40 31.57
C SER B 14 -6.22 -22.16 30.30
N PRO B 15 -6.94 -23.31 30.41
CA PRO B 15 -7.31 -24.09 29.22
C PRO B 15 -7.99 -23.35 28.06
N ASN B 16 -8.90 -22.42 28.37
CA ASN B 16 -9.54 -21.55 27.36
C ASN B 16 -9.52 -20.12 27.87
N GLY B 17 -9.45 -19.15 26.96
CA GLY B 17 -9.43 -17.76 27.36
C GLY B 17 -9.68 -16.76 26.25
N THR B 18 -9.60 -15.48 26.61
CA THR B 18 -9.87 -14.39 25.71
C THR B 18 -8.75 -13.35 25.81
N ILE B 19 -8.32 -12.89 24.64
CA ILE B 19 -7.27 -11.87 24.50
C ILE B 19 -7.86 -10.72 23.70
N GLU B 20 -7.82 -9.51 24.24
CA GLU B 20 -8.37 -8.35 23.54
C GLU B 20 -7.57 -7.11 23.83
N SER B 21 -7.77 -6.10 23.00
CA SER B 21 -7.09 -4.80 23.19
C SER B 21 -7.67 -4.13 24.44
N PRO B 22 -6.87 -3.34 25.16
CA PRO B 22 -7.40 -2.72 26.38
C PRO B 22 -8.64 -1.85 26.11
N GLY B 23 -9.68 -2.06 26.90
CA GLY B 23 -10.92 -1.29 26.81
C GLY B 23 -11.95 -1.89 25.87
N PHE B 24 -11.60 -2.93 25.12
CA PHE B 24 -12.54 -3.51 24.16
C PHE B 24 -13.92 -3.79 24.84
N PRO B 25 -15.04 -3.56 24.10
CA PRO B 25 -15.26 -3.07 22.73
C PRO B 25 -15.17 -1.56 22.52
N GLU B 26 -14.57 -0.84 23.46
CA GLU B 26 -14.30 0.57 23.21
C GLU B 26 -13.11 0.70 22.26
N LYS B 27 -13.03 1.83 21.57
CA LYS B 27 -11.81 2.25 20.89
C LYS B 27 -10.59 2.12 21.81
N TYR B 28 -9.47 1.65 21.26
CA TYR B 28 -8.26 1.41 22.06
C TYR B 28 -7.49 2.69 22.43
N PRO B 29 -6.74 2.65 23.54
CA PRO B 29 -5.84 3.76 23.90
C PRO B 29 -4.61 3.94 23.01
N HIS B 30 -4.11 5.17 23.01
CA HIS B 30 -2.88 5.50 22.29
C HIS B 30 -1.70 5.22 23.20
N ASN B 31 -0.52 5.12 22.61
CA ASN B 31 0.73 4.97 23.35
C ASN B 31 0.82 3.65 24.16
N LEU B 32 0.22 2.60 23.62
CA LEU B 32 0.31 1.26 24.20
C LEU B 32 1.49 0.49 23.64
N ASP B 33 2.08 -0.32 24.51
CA ASP B 33 2.98 -1.39 24.12
C ASP B 33 2.71 -2.54 25.08
N CYS B 34 1.77 -3.43 24.74
CA CYS B 34 1.46 -4.59 25.58
C CYS B 34 1.92 -5.88 24.93
N THR B 35 2.32 -6.83 25.78
CA THR B 35 2.62 -8.19 25.41
C THR B 35 1.55 -9.10 26.00
N PHE B 36 1.00 -9.98 25.18
CA PHE B 36 0.10 -11.03 25.68
C PHE B 36 0.81 -12.34 25.38
N THR B 37 1.05 -13.17 26.40
CA THR B 37 1.76 -14.44 26.25
C THR B 37 0.90 -15.64 26.65
N ILE B 38 0.72 -16.56 25.72
CA ILE B 38 0.06 -17.82 26.00
C ILE B 38 1.15 -18.87 26.27
N LEU B 39 1.07 -19.53 27.43
CA LEU B 39 2.04 -20.57 27.78
C LEU B 39 1.31 -21.90 27.91
N ALA B 40 1.80 -22.92 27.20
CA ALA B 40 1.19 -24.24 27.21
C ALA B 40 2.24 -25.32 27.53
N LYS B 41 1.81 -26.37 28.22
CA LYS B 41 2.70 -27.45 28.62
C LYS B 41 3.01 -28.35 27.41
N PRO B 42 4.09 -29.16 27.50
CA PRO B 42 4.38 -30.09 26.40
C PRO B 42 3.17 -30.94 26.01
N LYS B 43 3.07 -31.24 24.72
CA LYS B 43 1.97 -32.03 24.12
C LYS B 43 0.62 -31.30 24.06
N MET B 44 0.58 -30.04 24.46
CA MET B 44 -0.58 -29.18 24.25
C MET B 44 -0.38 -28.31 23.00
N GLU B 45 -1.48 -28.05 22.30
CA GLU B 45 -1.52 -27.23 21.10
C GLU B 45 -2.28 -25.94 21.42
N ILE B 46 -1.70 -24.78 21.08
CA ILE B 46 -2.38 -23.49 21.28
C ILE B 46 -3.14 -23.14 19.99
N ILE B 47 -4.46 -23.12 20.06
CA ILE B 47 -5.29 -22.69 18.95
C ILE B 47 -5.76 -21.28 19.25
N LEU B 48 -5.35 -20.31 18.41
CA LEU B 48 -5.72 -18.90 18.51
C LEU B 48 -6.61 -18.50 17.35
N GLN B 49 -7.81 -18.01 17.62
CA GLN B 49 -8.75 -17.53 16.60
C GLN B 49 -9.17 -16.09 16.88
N PHE B 50 -9.21 -15.25 15.85
CA PHE B 50 -9.57 -13.84 15.96
C PHE B 50 -11.03 -13.62 15.59
N LEU B 51 -11.78 -12.99 16.51
CA LEU B 51 -13.21 -12.69 16.36
C LEU B 51 -13.43 -11.32 15.73
N ILE B 52 -12.74 -10.32 16.27
CA ILE B 52 -12.75 -8.97 15.74
C ILE B 52 -11.33 -8.46 15.53
N PHE B 53 -11.12 -7.75 14.43
CA PHE B 53 -9.86 -7.08 14.18
C PHE B 53 -10.04 -5.78 13.38
N ASP B 54 -9.58 -4.67 13.96
CA ASP B 54 -9.71 -3.34 13.36
C ASP B 54 -8.70 -2.39 13.99
N LEU B 55 -7.58 -2.25 13.29
CA LEU B 55 -6.49 -1.38 13.67
C LEU B 55 -6.26 -0.32 12.56
N GLU B 56 -5.72 0.83 12.95
CA GLU B 56 -5.30 1.85 11.99
C GLU B 56 -4.27 1.29 11.00
N HIS B 57 -4.39 1.72 9.74
CA HIS B 57 -3.38 1.54 8.72
C HIS B 57 -3.07 2.90 8.09
N ASP B 66 2.42 -2.13 4.54
CA ASP B 66 3.19 -1.71 5.70
C ASP B 66 2.29 -1.40 6.90
N CYS B 67 2.87 -1.44 8.10
CA CYS B 67 2.15 -1.22 9.36
C CYS B 67 3.06 -0.45 10.32
N LYS B 68 3.27 0.83 10.08
CA LYS B 68 4.22 1.63 10.88
C LYS B 68 3.53 2.58 11.87
N TYR B 69 2.20 2.48 11.94
CA TYR B 69 1.44 3.26 12.91
C TYR B 69 0.99 2.38 14.08
N ASP B 70 -0.07 1.60 13.86
CA ASP B 70 -0.56 0.66 14.88
C ASP B 70 -0.44 -0.76 14.33
N TRP B 71 0.04 -1.69 15.16
CA TRP B 71 0.16 -3.09 14.75
C TRP B 71 -0.03 -4.08 15.88
N LEU B 72 -0.30 -5.31 15.45
CA LEU B 72 -0.27 -6.47 16.30
C LEU B 72 0.72 -7.47 15.67
N ASP B 73 1.82 -7.71 16.39
CA ASP B 73 2.82 -8.69 15.98
C ASP B 73 2.44 -9.99 16.64
N ILE B 74 2.59 -11.10 15.91
CA ILE B 74 2.43 -12.44 16.50
C ILE B 74 3.79 -13.16 16.44
N TRP B 75 4.25 -13.70 17.58
CA TRP B 75 5.59 -14.30 17.71
C TRP B 75 5.52 -15.77 18.05
N ASP B 76 6.39 -16.55 17.40
CA ASP B 76 6.54 -17.96 17.64
C ASP B 76 7.52 -18.14 18.77
N GLY B 77 7.09 -17.63 19.93
CA GLY B 77 7.87 -17.61 21.15
C GLY B 77 7.84 -16.25 21.82
N ILE B 78 8.99 -15.85 22.35
CA ILE B 78 9.14 -14.58 23.06
C ILE B 78 9.31 -13.42 22.08
N PRO B 79 8.68 -12.27 22.35
CA PRO B 79 8.76 -11.18 21.40
C PRO B 79 10.18 -10.69 21.16
N HIS B 80 10.47 -10.44 19.89
CA HIS B 80 11.76 -9.95 19.44
C HIS B 80 12.86 -10.95 19.71
N VAL B 81 12.49 -12.16 20.12
CA VAL B 81 13.47 -13.21 20.30
C VAL B 81 13.13 -14.41 19.41
N GLY B 82 11.89 -14.87 19.46
CA GLY B 82 11.45 -15.96 18.59
C GLY B 82 11.05 -15.43 17.23
N PRO B 83 10.82 -16.33 16.25
CA PRO B 83 10.43 -15.85 14.91
C PRO B 83 9.14 -15.05 14.89
N LEU B 84 9.05 -14.08 14.01
CA LEU B 84 7.80 -13.36 13.75
C LEU B 84 6.93 -14.21 12.82
N ILE B 85 5.71 -14.50 13.26
CA ILE B 85 4.75 -15.17 12.40
C ILE B 85 4.16 -14.11 11.47
N GLY B 86 3.68 -13.01 12.04
CA GLY B 86 3.14 -11.95 11.23
C GLY B 86 2.97 -10.66 12.01
N LYS B 87 2.92 -9.55 11.28
CA LYS B 87 2.58 -8.23 11.80
C LYS B 87 1.28 -7.81 11.10
N TYR B 88 0.30 -7.40 11.87
CA TYR B 88 -1.02 -7.14 11.33
C TYR B 88 -1.54 -5.75 11.67
N CYS B 89 -2.32 -5.20 10.75
CA CYS B 89 -3.02 -3.94 10.99
C CYS B 89 -4.12 -3.79 9.95
N GLY B 90 -4.82 -2.67 9.98
CA GLY B 90 -5.98 -2.51 9.11
C GLY B 90 -7.18 -3.35 9.56
N THR B 91 -7.95 -3.82 8.59
CA THR B 91 -9.31 -4.27 8.85
C THR B 91 -9.54 -5.75 8.63
N LYS B 92 -8.52 -6.46 8.18
CA LYS B 92 -8.66 -7.86 7.87
C LYS B 92 -8.28 -8.64 9.12
N THR B 93 -9.14 -9.58 9.50
CA THR B 93 -8.90 -10.51 10.60
C THR B 93 -7.73 -11.46 10.28
N PRO B 94 -6.73 -11.54 11.17
CA PRO B 94 -5.67 -12.55 11.00
C PRO B 94 -6.24 -13.98 10.99
N SER B 95 -5.69 -14.87 10.16
CA SER B 95 -6.24 -16.22 10.11
C SER B 95 -5.76 -17.01 11.34
N GLU B 96 -6.41 -18.14 11.60
CA GLU B 96 -6.21 -18.93 12.80
C GLU B 96 -4.81 -19.53 12.88
N LEU B 97 -4.27 -19.61 14.10
CA LEU B 97 -2.95 -20.17 14.31
C LEU B 97 -3.04 -21.36 15.27
N ARG B 98 -2.28 -22.41 14.97
CA ARG B 98 -2.18 -23.61 15.78
C ARG B 98 -0.71 -23.88 16.03
N SER B 99 -0.27 -23.62 17.26
CA SER B 99 1.14 -23.73 17.61
C SER B 99 1.38 -24.90 18.54
N SER B 100 2.49 -25.62 18.32
CA SER B 100 2.94 -26.68 19.21
C SER B 100 4.32 -26.35 19.79
N THR B 101 4.61 -25.05 19.92
CA THR B 101 5.91 -24.53 20.41
C THR B 101 5.95 -24.39 21.94
N GLY B 102 4.78 -24.41 22.58
CA GLY B 102 4.68 -24.22 24.02
C GLY B 102 4.47 -22.78 24.45
N ILE B 103 4.63 -21.85 23.51
CA ILE B 103 4.50 -20.42 23.79
C ILE B 103 4.13 -19.67 22.50
N LEU B 104 3.10 -18.83 22.61
CA LEU B 104 2.68 -17.95 21.54
C LEU B 104 2.45 -16.58 22.16
N SER B 105 3.02 -15.53 21.56
CA SER B 105 2.92 -14.18 22.07
C SER B 105 2.36 -13.19 21.04
N LEU B 106 1.69 -12.15 21.54
CA LEU B 106 1.24 -11.05 20.72
C LEU B 106 1.77 -9.75 21.35
N THR B 107 2.38 -8.89 20.55
CA THR B 107 2.65 -7.53 21.01
C THR B 107 1.80 -6.50 20.25
N PHE B 108 0.99 -5.75 20.99
CA PHE B 108 0.09 -4.75 20.47
C PHE B 108 0.75 -3.39 20.60
N HIS B 109 1.02 -2.73 19.47
CA HIS B 109 1.60 -1.39 19.48
C HIS B 109 0.60 -0.35 19.01
N THR B 110 0.41 0.72 19.79
CA THR B 110 -0.31 1.90 19.30
C THR B 110 0.51 3.18 19.50
N ASP B 111 0.45 4.06 18.49
CA ASP B 111 1.19 5.33 18.47
C ASP B 111 0.38 6.54 19.01
N MET B 112 0.96 7.73 18.81
CA MET B 112 0.45 9.01 19.34
C MET B 112 -1.02 9.35 19.11
N ALA B 113 -1.57 9.01 17.94
CA ALA B 113 -2.92 9.46 17.55
C ALA B 113 -3.66 8.46 16.65
N VAL B 114 -4.99 8.57 16.61
CA VAL B 114 -5.89 7.70 15.81
C VAL B 114 -6.02 6.26 16.33
N ALA B 115 -7.26 5.92 16.69
CA ALA B 115 -7.62 4.64 17.30
C ALA B 115 -8.84 4.08 16.59
N LYS B 116 -8.99 2.75 16.65
CA LYS B 116 -10.11 2.06 16.03
C LYS B 116 -10.71 1.11 17.06
N ASP B 117 -11.46 0.10 16.63
CA ASP B 117 -12.18 -0.79 17.55
C ASP B 117 -11.24 -1.74 18.29
N GLY B 118 -10.08 -2.04 17.70
CA GLY B 118 -9.11 -2.95 18.28
C GLY B 118 -9.46 -4.38 17.93
N PHE B 119 -9.20 -5.30 18.86
CA PHE B 119 -9.30 -6.72 18.59
C PHE B 119 -9.81 -7.56 19.77
N SER B 120 -10.45 -8.68 19.43
CA SER B 120 -10.83 -9.69 20.40
C SER B 120 -10.57 -11.06 19.79
N ALA B 121 -9.84 -11.91 20.53
CA ALA B 121 -9.47 -13.26 20.08
C ALA B 121 -9.74 -14.26 21.19
N ARG B 122 -9.89 -15.53 20.80
CA ARG B 122 -10.10 -16.64 21.72
C ARG B 122 -8.95 -17.64 21.54
N TYR B 123 -8.41 -18.18 22.64
CA TYR B 123 -7.40 -19.24 22.55
C TYR B 123 -7.82 -20.52 23.30
N TYR B 124 -7.43 -21.68 22.76
CA TYR B 124 -7.73 -22.97 23.39
C TYR B 124 -6.43 -23.77 23.59
N LEU B 125 -6.37 -24.52 24.68
CA LEU B 125 -5.24 -25.40 24.95
C LEU B 125 -5.72 -26.84 24.85
N VAL B 126 -5.40 -27.49 23.73
CA VAL B 126 -6.01 -28.76 23.37
C VAL B 126 -5.00 -29.89 23.31
N HIS B 127 -5.42 -31.07 23.82
CA HIS B 127 -4.88 -32.44 23.52
C HIS B 127 -5.19 -33.43 24.66
N GLN B 135 3.81 -42.70 9.83
CA GLN B 135 3.66 -41.77 10.94
C GLN B 135 3.79 -40.29 10.42
N CYS B 136 4.85 -39.92 9.68
CA CYS B 136 4.97 -38.54 9.15
C CYS B 136 4.35 -38.37 7.75
N ASN B 137 3.05 -38.57 7.67
CA ASN B 137 2.38 -38.70 6.40
C ASN B 137 1.03 -38.04 6.35
N VAL B 138 0.82 -37.07 7.25
CA VAL B 138 -0.46 -36.40 7.45
C VAL B 138 -0.60 -35.25 6.46
N PRO B 139 -1.78 -35.10 5.82
CA PRO B 139 -2.00 -33.92 4.97
C PRO B 139 -1.98 -32.61 5.78
N LEU B 140 -1.32 -31.58 5.27
CA LEU B 140 -1.01 -30.39 6.08
C LEU B 140 -2.14 -29.35 6.12
N GLY B 141 -3.06 -29.45 5.17
CA GLY B 141 -4.36 -28.81 5.27
C GLY B 141 -4.86 -28.07 4.05
N MET B 142 -4.41 -28.46 2.84
CA MET B 142 -4.96 -27.83 1.63
C MET B 142 -6.44 -28.24 1.44
N GLU B 143 -6.73 -29.54 1.43
CA GLU B 143 -8.13 -29.98 1.29
C GLU B 143 -8.99 -29.65 2.54
N SER B 144 -8.44 -29.86 3.73
CA SER B 144 -9.20 -29.63 4.99
C SER B 144 -9.47 -28.16 5.36
N GLY B 145 -8.69 -27.22 4.86
CA GLY B 145 -8.85 -25.81 5.19
C GLY B 145 -8.03 -25.37 6.39
N ARG B 146 -7.37 -26.34 7.01
CA ARG B 146 -6.38 -26.09 8.06
C ARG B 146 -5.26 -25.13 7.56
N ILE B 147 -4.87 -25.19 6.28
CA ILE B 147 -4.07 -24.10 5.72
C ILE B 147 -5.08 -23.10 5.20
N ALA B 148 -5.11 -21.92 5.81
CA ALA B 148 -6.09 -20.87 5.47
C ALA B 148 -5.77 -20.18 4.16
N ASN B 149 -6.77 -19.49 3.62
CA ASN B 149 -6.63 -18.79 2.35
C ASN B 149 -5.49 -17.75 2.41
N GLU B 150 -5.29 -17.16 3.59
CA GLU B 150 -4.33 -16.10 3.78
C GLU B 150 -2.87 -16.62 3.75
N GLN B 151 -2.69 -17.94 3.93
CA GLN B 151 -1.40 -18.63 3.86
C GLN B 151 -0.99 -19.04 2.43
N ILE B 152 -1.96 -18.98 1.50
CA ILE B 152 -1.78 -19.38 0.11
C ILE B 152 -1.64 -18.14 -0.78
N SER B 153 -0.61 -18.12 -1.61
CA SER B 153 -0.38 -17.02 -2.56
C SER B 153 0.30 -17.56 -3.82
N ALA B 154 0.61 -16.67 -4.76
CA ALA B 154 1.30 -17.04 -6.01
C ALA B 154 2.09 -15.86 -6.54
N SER B 155 3.04 -16.14 -7.42
CA SER B 155 3.78 -15.10 -8.17
C SER B 155 2.86 -14.24 -9.03
N SER B 156 1.79 -14.86 -9.53
CA SER B 156 0.78 -14.18 -10.35
C SER B 156 -0.44 -15.07 -10.44
N THR B 157 -1.53 -14.50 -10.95
CA THR B 157 -2.77 -15.24 -11.25
C THR B 157 -3.45 -14.67 -12.52
N TYR B 158 -4.09 -15.56 -13.30
CA TYR B 158 -4.71 -15.18 -14.56
C TYR B 158 -5.65 -13.98 -14.38
N SER B 159 -5.65 -13.07 -15.37
CA SER B 159 -6.33 -11.75 -15.29
C SER B 159 -7.84 -11.78 -15.07
N ASP B 160 -8.50 -12.87 -15.44
CA ASP B 160 -9.97 -12.96 -15.26
C ASP B 160 -10.43 -13.33 -13.85
N GLY B 161 -9.49 -13.50 -12.90
CA GLY B 161 -9.79 -13.71 -11.47
C GLY B 161 -10.47 -15.03 -11.12
N ARG B 162 -10.40 -15.97 -12.06
CA ARG B 162 -11.10 -17.24 -11.98
C ARG B 162 -10.17 -18.44 -11.76
N TRP B 163 -8.86 -18.16 -11.66
CA TRP B 163 -7.86 -19.21 -11.45
C TRP B 163 -6.92 -18.81 -10.31
N THR B 164 -7.53 -18.42 -9.18
CA THR B 164 -6.82 -17.82 -8.06
C THR B 164 -6.05 -18.90 -7.28
N PRO B 165 -5.00 -18.48 -6.52
CA PRO B 165 -4.24 -19.35 -5.58
C PRO B 165 -5.09 -20.13 -4.56
N GLN B 166 -6.23 -19.55 -4.17
CA GLN B 166 -7.15 -20.15 -3.19
C GLN B 166 -8.04 -21.23 -3.82
N GLN B 167 -7.91 -21.43 -5.14
CA GLN B 167 -8.54 -22.56 -5.84
C GLN B 167 -7.54 -23.70 -6.08
N SER B 168 -6.39 -23.64 -5.40
CA SER B 168 -5.33 -24.62 -5.55
C SER B 168 -5.41 -25.80 -4.56
N ARG B 169 -6.52 -25.94 -3.86
CA ARG B 169 -6.69 -27.03 -2.89
C ARG B 169 -7.08 -28.33 -3.59
N LEU B 170 -6.45 -29.44 -3.18
CA LEU B 170 -6.68 -30.75 -3.78
C LEU B 170 -8.16 -31.11 -3.77
N HIS B 171 -8.62 -31.76 -4.84
CA HIS B 171 -10.03 -32.13 -5.04
C HIS B 171 -11.01 -30.96 -5.04
N GLY B 172 -10.52 -29.75 -5.33
CA GLY B 172 -11.34 -28.54 -5.33
C GLY B 172 -12.29 -28.46 -6.53
N ASP B 173 -13.50 -27.95 -6.30
CA ASP B 173 -14.56 -28.01 -7.35
C ASP B 173 -14.48 -26.91 -8.42
N ASP B 174 -13.76 -25.82 -8.14
CA ASP B 174 -13.80 -24.63 -8.99
C ASP B 174 -12.42 -24.35 -9.61
N ASN B 175 -12.17 -24.99 -10.76
CA ASN B 175 -10.97 -24.74 -11.56
C ASN B 175 -9.69 -25.13 -10.80
N GLY B 176 -8.67 -24.28 -10.85
CA GLY B 176 -7.40 -24.52 -10.18
C GLY B 176 -6.63 -23.21 -10.15
N TRP B 177 -5.37 -23.25 -9.72
CA TRP B 177 -4.51 -22.08 -9.84
C TRP B 177 -3.83 -22.04 -11.21
N THR B 178 -3.88 -20.86 -11.84
CA THR B 178 -3.17 -20.55 -13.09
C THR B 178 -2.47 -19.19 -12.96
N PRO B 179 -1.21 -19.08 -13.43
CA PRO B 179 -0.52 -17.79 -13.42
C PRO B 179 -1.03 -16.82 -14.52
N ASN B 180 -0.44 -15.63 -14.57
CA ASN B 180 -0.79 -14.66 -15.60
C ASN B 180 -0.49 -15.20 -17.00
N LEU B 181 0.78 -15.61 -17.19
CA LEU B 181 1.30 -16.15 -18.44
C LEU B 181 2.00 -17.46 -18.14
N ASP B 182 1.81 -18.46 -19.00
CA ASP B 182 2.42 -19.79 -18.81
C ASP B 182 3.93 -19.80 -19.10
N SER B 183 4.75 -19.91 -18.07
CA SER B 183 6.20 -20.09 -18.19
C SER B 183 6.71 -21.00 -17.07
N ASN B 184 8.02 -21.25 -17.03
CA ASN B 184 8.62 -22.01 -15.96
C ASN B 184 9.15 -21.12 -14.82
N LYS B 185 8.74 -19.85 -14.80
CA LYS B 185 9.23 -18.87 -13.84
C LYS B 185 8.19 -18.55 -12.75
N GLU B 186 7.04 -19.20 -12.80
CA GLU B 186 5.96 -18.94 -11.85
C GLU B 186 5.98 -19.91 -10.67
N TYR B 187 5.25 -19.57 -9.61
CA TYR B 187 5.14 -20.44 -8.44
C TYR B 187 3.82 -20.20 -7.71
N LEU B 188 3.33 -21.28 -7.10
CA LEU B 188 2.33 -21.22 -6.10
C LEU B 188 3.06 -21.45 -4.75
N GLN B 189 2.76 -20.56 -3.81
CA GLN B 189 3.41 -20.48 -2.52
C GLN B 189 2.45 -20.71 -1.32
N VAL B 190 2.90 -21.56 -0.37
CA VAL B 190 2.23 -21.79 0.91
C VAL B 190 3.13 -21.43 2.11
N ASP B 191 2.62 -20.57 2.98
CA ASP B 191 3.22 -20.29 4.28
C ASP B 191 2.56 -21.17 5.36
N LEU B 192 3.34 -22.15 5.84
CA LEU B 192 2.92 -23.02 6.91
C LEU B 192 2.98 -22.35 8.28
N ARG B 193 3.53 -21.13 8.36
CA ARG B 193 3.60 -20.30 9.58
C ARG B 193 4.62 -20.81 10.63
N PHE B 194 4.75 -22.13 10.72
CA PHE B 194 5.66 -22.74 11.66
C PHE B 194 6.54 -23.69 10.89
N LEU B 195 7.71 -23.92 11.46
CA LEU B 195 8.66 -24.86 10.94
C LEU B 195 8.00 -26.26 11.00
N THR B 196 7.89 -26.93 9.85
CA THR B 196 7.10 -28.14 9.70
C THR B 196 7.88 -29.16 8.87
N MET B 197 7.69 -30.44 9.16
CA MET B 197 8.24 -31.50 8.30
C MET B 197 7.39 -31.65 7.04
N LEU B 198 8.03 -31.64 5.88
CA LEU B 198 7.38 -31.91 4.60
C LEU B 198 7.97 -33.22 4.06
N THR B 199 7.11 -34.19 3.75
CA THR B 199 7.55 -35.50 3.25
C THR B 199 7.00 -35.89 1.90
N ALA B 200 6.02 -35.13 1.39
CA ALA B 200 5.33 -35.47 0.16
C ALA B 200 4.45 -34.37 -0.40
N ILE B 201 4.23 -34.45 -1.70
CA ILE B 201 3.48 -33.47 -2.47
C ILE B 201 2.58 -34.27 -3.41
N ALA B 202 1.32 -33.86 -3.50
CA ALA B 202 0.37 -34.50 -4.40
C ALA B 202 -0.26 -33.41 -5.23
N THR B 203 -0.44 -33.63 -6.51
CA THR B 203 -1.00 -32.60 -7.40
C THR B 203 -2.07 -33.14 -8.34
N GLN B 204 -2.88 -32.21 -8.83
CA GLN B 204 -3.88 -32.48 -9.86
C GLN B 204 -3.80 -31.36 -10.89
N GLY B 205 -4.35 -31.62 -12.07
CA GLY B 205 -4.63 -30.56 -13.02
C GLY B 205 -6.01 -29.99 -12.73
N ALA B 206 -6.61 -29.34 -13.73
CA ALA B 206 -7.96 -28.76 -13.58
C ALA B 206 -8.71 -28.86 -14.90
N ILE B 207 -10.04 -28.95 -14.81
CA ILE B 207 -10.91 -28.94 -15.99
C ILE B 207 -11.74 -27.68 -15.90
N SER B 208 -11.63 -26.79 -16.90
CA SER B 208 -12.46 -25.59 -16.89
C SER B 208 -13.95 -25.96 -16.87
N ARG B 209 -14.69 -25.31 -15.96
CA ARG B 209 -16.15 -25.45 -15.88
C ARG B 209 -16.84 -24.74 -17.06
N GLU B 210 -16.15 -23.72 -17.57
CA GLU B 210 -16.64 -22.90 -18.68
C GLU B 210 -16.45 -23.60 -20.02
N THR B 211 -15.31 -24.28 -20.21
CA THR B 211 -14.90 -24.81 -21.54
C THR B 211 -14.74 -26.33 -21.66
N GLN B 212 -14.63 -27.03 -20.52
CA GLN B 212 -14.37 -28.49 -20.47
C GLN B 212 -12.99 -28.94 -21.01
N ASN B 213 -12.14 -27.99 -21.41
CA ASN B 213 -10.74 -28.29 -21.72
C ASN B 213 -9.96 -28.59 -20.43
N GLY B 214 -9.14 -29.64 -20.48
CA GLY B 214 -8.39 -30.14 -19.33
C GLY B 214 -6.93 -29.72 -19.37
N TYR B 215 -6.46 -29.20 -18.23
CA TYR B 215 -5.14 -28.58 -18.09
C TYR B 215 -4.43 -29.22 -16.91
N TYR B 216 -3.14 -29.56 -17.07
CA TYR B 216 -2.35 -30.05 -15.95
C TYR B 216 -0.88 -29.68 -16.05
N VAL B 217 -0.20 -29.70 -14.90
CA VAL B 217 1.24 -29.59 -14.81
C VAL B 217 1.79 -30.99 -14.98
N LYS B 218 2.84 -31.13 -15.80
CA LYS B 218 3.50 -32.43 -16.06
C LYS B 218 4.82 -32.63 -15.29
N SER B 219 5.47 -31.54 -14.88
CA SER B 219 6.63 -31.61 -14.01
C SER B 219 6.81 -30.30 -13.26
N TYR B 220 7.38 -30.37 -12.05
CA TYR B 220 7.65 -29.17 -11.25
C TYR B 220 8.94 -29.27 -10.43
N LYS B 221 9.40 -28.10 -9.96
CA LYS B 221 10.47 -28.00 -8.98
C LYS B 221 9.89 -27.52 -7.63
N LEU B 222 10.71 -27.64 -6.57
CA LEU B 222 10.30 -27.28 -5.22
C LEU B 222 11.32 -26.33 -4.65
N GLU B 223 10.86 -25.18 -4.14
CA GLU B 223 11.71 -24.20 -3.47
C GLU B 223 11.16 -23.92 -2.07
N VAL B 224 12.04 -23.86 -1.07
CA VAL B 224 11.63 -23.86 0.35
C VAL B 224 12.47 -22.82 1.13
N SER B 225 11.94 -22.33 2.26
CA SER B 225 12.61 -21.27 3.08
C SER B 225 12.10 -21.31 4.51
N THR B 226 12.98 -21.13 5.48
CA THR B 226 12.54 -21.03 6.86
C THR B 226 11.99 -19.65 7.15
N ASN B 227 12.19 -18.69 6.24
CA ASN B 227 11.97 -17.29 6.57
C ASN B 227 11.35 -16.35 5.51
N GLY B 228 11.14 -16.80 4.29
CA GLY B 228 10.53 -15.97 3.24
C GLY B 228 11.52 -15.20 2.38
N GLU B 229 12.78 -15.19 2.79
CA GLU B 229 13.85 -14.49 2.12
C GLU B 229 14.95 -15.40 1.57
N ASP B 230 15.36 -16.39 2.35
CA ASP B 230 16.49 -17.27 1.93
C ASP B 230 15.85 -18.53 1.38
N TRP B 231 16.12 -18.86 0.11
CA TRP B 231 15.40 -19.96 -0.55
C TRP B 231 16.36 -21.03 -1.00
N MET B 232 15.87 -22.27 -1.00
CA MET B 232 16.58 -23.42 -1.56
C MET B 232 15.70 -24.12 -2.57
N VAL B 233 16.21 -24.39 -3.77
CA VAL B 233 15.57 -25.24 -4.72
C VAL B 233 15.96 -26.68 -4.35
N TYR B 234 14.99 -27.54 -4.12
CA TYR B 234 15.28 -28.91 -3.70
C TYR B 234 16.08 -29.66 -4.77
N ARG B 235 17.10 -30.38 -4.33
CA ARG B 235 17.98 -31.13 -5.19
C ARG B 235 17.84 -32.65 -4.98
N HIS B 236 18.23 -33.39 -6.02
CA HIS B 236 18.43 -34.84 -5.94
C HIS B 236 19.81 -35.09 -6.52
N GLY B 237 20.80 -35.15 -5.65
CA GLY B 237 22.17 -35.19 -6.08
C GLY B 237 22.66 -33.78 -6.33
N LYS B 238 23.39 -33.58 -7.43
CA LYS B 238 23.95 -32.27 -7.74
C LYS B 238 22.91 -31.34 -8.40
N ASN B 239 21.97 -31.93 -9.13
CA ASN B 239 20.96 -31.16 -9.84
C ASN B 239 19.61 -30.99 -9.08
N HIS B 240 18.88 -29.95 -9.49
CA HIS B 240 17.54 -29.73 -9.01
C HIS B 240 16.72 -30.97 -9.26
N LYS B 241 15.88 -31.32 -8.29
CA LYS B 241 14.89 -32.37 -8.45
C LYS B 241 13.74 -31.83 -9.35
N VAL B 242 13.46 -32.55 -10.42
CA VAL B 242 12.30 -32.34 -11.25
C VAL B 242 11.34 -33.46 -10.90
N PHE B 243 10.23 -33.04 -10.32
CA PHE B 243 9.20 -33.94 -9.87
C PHE B 243 8.29 -34.18 -11.03
N GLN B 244 8.11 -35.44 -11.41
CA GLN B 244 7.12 -35.77 -12.45
C GLN B 244 5.72 -35.65 -11.87
N ALA B 245 4.82 -35.00 -12.60
CA ALA B 245 3.49 -34.72 -12.11
C ALA B 245 2.37 -35.46 -12.90
N ASN B 246 1.39 -34.71 -13.38
CA ASN B 246 0.16 -35.29 -13.89
C ASN B 246 0.22 -35.64 -15.36
N ASN B 247 -0.67 -36.57 -15.74
CA ASN B 247 -0.88 -36.96 -17.13
C ASN B 247 -2.34 -36.83 -17.56
N ASP B 248 -3.19 -36.37 -16.64
CA ASP B 248 -4.57 -35.98 -16.95
C ASP B 248 -4.94 -34.85 -15.98
N ALA B 249 -6.13 -34.27 -16.16
CA ALA B 249 -6.56 -33.10 -15.39
C ALA B 249 -7.37 -33.44 -14.13
N THR B 250 -7.57 -34.73 -13.86
CA THR B 250 -8.45 -35.17 -12.77
C THR B 250 -7.75 -35.97 -11.66
N GLU B 251 -6.80 -36.83 -12.02
CA GLU B 251 -6.19 -37.77 -11.05
C GLU B 251 -5.04 -37.16 -10.20
N VAL B 252 -4.95 -37.66 -8.98
CA VAL B 252 -3.96 -37.24 -8.02
C VAL B 252 -2.69 -38.03 -8.29
N VAL B 253 -1.56 -37.33 -8.43
CA VAL B 253 -0.26 -37.96 -8.43
C VAL B 253 0.54 -37.50 -7.22
N LEU B 254 0.91 -38.45 -6.37
CA LEU B 254 1.65 -38.16 -5.15
C LEU B 254 3.13 -38.51 -5.33
N ASN B 255 4.00 -37.57 -4.98
CA ASN B 255 5.45 -37.73 -4.98
C ASN B 255 6.01 -37.65 -3.54
N LYS B 256 6.72 -38.70 -3.12
CA LYS B 256 7.40 -38.72 -1.85
C LYS B 256 8.83 -38.22 -2.03
N LEU B 257 9.19 -37.29 -1.15
CA LEU B 257 10.51 -36.70 -1.17
C LEU B 257 11.51 -37.79 -0.82
N HIS B 258 12.60 -37.90 -1.59
CA HIS B 258 13.67 -38.83 -1.25
C HIS B 258 14.30 -38.48 0.10
N ALA B 259 14.34 -37.19 0.43
CA ALA B 259 14.90 -36.71 1.71
C ALA B 259 13.98 -35.63 2.26
N PRO B 260 13.27 -35.92 3.37
CA PRO B 260 12.27 -34.98 3.91
C PRO B 260 12.91 -33.66 4.36
N LEU B 261 12.09 -32.61 4.48
CA LEU B 261 12.58 -31.24 4.62
C LEU B 261 11.93 -30.58 5.79
N LEU B 262 12.73 -29.85 6.58
CA LEU B 262 12.21 -29.02 7.64
C LEU B 262 12.14 -27.60 7.07
N THR B 263 10.92 -27.06 6.99
CA THR B 263 10.63 -25.78 6.33
C THR B 263 9.39 -25.05 6.89
N ARG B 264 9.24 -23.82 6.41
CA ARG B 264 8.07 -23.01 6.65
C ARG B 264 7.33 -22.63 5.37
N PHE B 265 8.06 -22.07 4.42
CA PHE B 265 7.46 -21.63 3.13
C PHE B 265 7.77 -22.66 2.04
N VAL B 266 6.75 -23.05 1.28
CA VAL B 266 6.84 -24.03 0.21
C VAL B 266 6.39 -23.35 -1.11
N ARG B 267 7.20 -23.47 -2.15
CA ARG B 267 6.85 -23.01 -3.49
C ARG B 267 6.84 -24.18 -4.47
N ILE B 268 5.74 -24.30 -5.23
CA ILE B 268 5.66 -25.28 -6.30
C ILE B 268 5.90 -24.54 -7.58
N ARG B 269 6.94 -24.94 -8.32
CA ARG B 269 7.35 -24.27 -9.56
C ARG B 269 7.16 -25.14 -10.78
N PRO B 270 6.05 -24.94 -11.54
CA PRO B 270 5.81 -25.76 -12.73
C PRO B 270 6.87 -25.58 -13.82
N GLN B 271 7.33 -26.69 -14.39
CA GLN B 271 8.36 -26.63 -15.45
C GLN B 271 7.78 -26.98 -16.84
N THR B 272 6.83 -27.91 -16.88
CA THR B 272 6.15 -28.31 -18.13
C THR B 272 4.66 -28.61 -17.87
N TRP B 273 3.84 -28.62 -18.93
CA TRP B 273 2.38 -28.75 -18.79
C TRP B 273 1.70 -29.19 -20.08
N HIS B 274 0.47 -29.66 -19.96
CA HIS B 274 -0.37 -29.95 -21.10
C HIS B 274 -1.41 -28.84 -21.28
N SER B 275 -1.32 -28.13 -22.41
CA SER B 275 -2.32 -27.13 -22.81
C SER B 275 -2.25 -25.85 -21.96
N GLY B 276 -2.01 -25.99 -20.66
CA GLY B 276 -1.81 -24.84 -19.79
C GLY B 276 -1.51 -25.25 -18.35
N ILE B 277 -0.86 -24.37 -17.59
CA ILE B 277 -0.62 -24.61 -16.18
C ILE B 277 -1.95 -24.43 -15.44
N ALA B 278 -2.41 -25.51 -14.80
CA ALA B 278 -3.51 -25.47 -13.84
C ALA B 278 -3.14 -26.43 -12.73
N LEU B 279 -3.35 -26.01 -11.48
CA LEU B 279 -2.84 -26.75 -10.33
C LEU B 279 -3.78 -26.82 -9.12
N ARG B 280 -3.88 -28.03 -8.58
CA ARG B 280 -4.44 -28.25 -7.26
C ARG B 280 -3.41 -29.09 -6.53
N LEU B 281 -3.40 -29.01 -5.21
CA LEU B 281 -2.24 -29.36 -4.41
C LEU B 281 -2.62 -29.87 -3.02
N GLU B 282 -1.89 -30.86 -2.52
CA GLU B 282 -1.82 -31.19 -1.11
C GLU B 282 -0.37 -31.39 -0.65
N LEU B 283 -0.08 -31.01 0.59
CA LEU B 283 1.26 -31.20 1.15
C LEU B 283 1.14 -32.18 2.33
N PHE B 284 2.16 -33.00 2.52
CA PHE B 284 2.13 -34.06 3.52
C PHE B 284 3.35 -33.99 4.42
N GLY B 285 3.14 -34.27 5.70
CA GLY B 285 4.22 -34.23 6.66
C GLY B 285 3.69 -34.30 8.07
N CYS B 286 4.36 -33.60 8.98
CA CYS B 286 4.03 -33.63 10.40
C CYS B 286 4.75 -32.51 11.14
N ARG B 287 4.40 -32.35 12.42
CA ARG B 287 5.11 -31.46 13.34
C ARG B 287 6.38 -32.15 13.83
N VAL B 288 7.39 -31.37 14.18
CA VAL B 288 8.62 -31.91 14.77
C VAL B 288 8.32 -32.64 16.08
N THR B 289 7.34 -32.11 16.83
CA THR B 289 6.99 -32.61 18.14
C THR B 289 6.05 -33.81 18.08
N ASP B 290 5.73 -34.28 16.88
CA ASP B 290 4.92 -35.50 16.69
C ASP B 290 5.73 -36.74 16.94
N ALA B 291 7.03 -36.68 16.69
CA ALA B 291 7.95 -37.75 17.07
C ALA B 291 8.03 -37.79 18.59
N PRO B 292 8.36 -38.96 19.15
CA PRO B 292 8.44 -39.06 20.61
C PRO B 292 9.69 -38.38 21.18
N CYS B 293 9.50 -37.68 22.31
CA CYS B 293 10.54 -36.88 22.98
C CYS B 293 11.26 -35.91 22.03
N SER B 294 10.49 -35.04 21.37
CA SER B 294 11.02 -34.27 20.25
C SER B 294 10.56 -32.81 20.30
N ASN B 295 10.54 -32.24 21.49
CA ASN B 295 10.19 -30.85 21.71
C ASN B 295 11.43 -30.03 21.41
N MET B 296 11.23 -28.87 20.83
CA MET B 296 12.29 -27.88 20.72
C MET B 296 12.46 -27.22 22.10
N LEU B 297 13.68 -27.28 22.64
CA LEU B 297 13.93 -26.93 24.05
C LEU B 297 14.16 -25.46 24.34
N GLY B 298 14.21 -24.61 23.31
CA GLY B 298 14.08 -23.17 23.50
C GLY B 298 15.04 -22.20 22.83
N MET B 299 15.95 -22.71 21.97
CA MET B 299 16.77 -21.80 21.17
C MET B 299 15.91 -20.96 20.21
N LEU B 300 15.05 -21.61 19.43
CA LEU B 300 14.20 -20.92 18.48
C LEU B 300 13.28 -19.91 19.18
N SER B 301 12.55 -20.37 20.20
CA SER B 301 11.49 -19.58 20.88
C SER B 301 11.97 -18.49 21.86
N GLY B 302 13.17 -18.66 22.40
CA GLY B 302 13.70 -17.75 23.39
C GLY B 302 13.51 -18.23 24.82
N LEU B 303 12.92 -19.40 25.01
CA LEU B 303 12.76 -19.95 26.38
C LEU B 303 14.14 -20.33 26.99
N ILE B 304 15.12 -20.60 26.13
CA ILE B 304 16.54 -20.57 26.51
C ILE B 304 17.04 -19.13 26.33
N ALA B 305 17.28 -18.43 27.43
CA ALA B 305 17.82 -17.06 27.45
C ALA B 305 19.25 -16.96 26.92
N ASP B 306 19.65 -15.73 26.56
CA ASP B 306 21.01 -15.45 26.07
C ASP B 306 22.12 -15.87 27.05
N SER B 307 21.92 -15.69 28.36
CA SER B 307 22.92 -16.09 29.36
C SER B 307 23.26 -17.58 29.30
N GLN B 308 22.31 -18.37 28.80
CA GLN B 308 22.43 -19.81 28.68
C GLN B 308 23.19 -20.28 27.41
N ILE B 309 23.59 -19.34 26.54
CA ILE B 309 24.25 -19.64 25.27
C ILE B 309 25.70 -19.17 25.31
N SER B 310 26.65 -20.08 25.09
CA SER B 310 28.08 -19.74 25.12
C SER B 310 28.80 -20.48 24.00
N ALA B 311 30.09 -20.18 23.85
CA ALA B 311 30.85 -20.78 22.78
C ALA B 311 32.33 -20.80 23.14
N SER B 312 33.11 -21.59 22.40
CA SER B 312 34.57 -21.64 22.60
C SER B 312 35.18 -20.28 22.25
N SER B 313 34.72 -19.69 21.15
CA SER B 313 35.08 -18.33 20.76
C SER B 313 33.97 -17.70 19.93
N THR B 314 33.97 -16.39 19.83
CA THR B 314 32.94 -15.65 19.13
C THR B 314 33.60 -14.53 18.37
N GLN B 315 32.92 -14.01 17.37
CA GLN B 315 33.37 -12.80 16.70
C GLN B 315 33.64 -11.72 17.75
N GLU B 316 34.71 -10.96 17.53
CA GLU B 316 35.20 -9.97 18.49
C GLU B 316 34.31 -8.70 18.59
N TYR B 317 33.67 -8.32 17.48
CA TYR B 317 32.72 -7.23 17.50
C TYR B 317 31.33 -7.73 17.11
N LEU B 318 30.31 -7.12 17.71
CA LEU B 318 28.90 -7.25 17.29
C LEU B 318 28.25 -8.62 17.59
N TRP B 319 28.80 -9.39 18.53
CA TRP B 319 28.23 -10.67 18.93
C TRP B 319 27.09 -10.48 19.90
N SER B 320 25.96 -11.11 19.62
CA SER B 320 24.93 -11.33 20.63
C SER B 320 24.63 -12.81 20.63
N PRO B 321 24.45 -13.42 21.82
CA PRO B 321 24.19 -14.87 21.87
C PRO B 321 22.96 -15.35 21.07
N SER B 322 21.98 -14.45 20.86
CA SER B 322 20.80 -14.75 20.03
C SER B 322 21.16 -14.97 18.58
N ALA B 323 22.38 -14.61 18.18
CA ALA B 323 22.85 -14.86 16.82
C ALA B 323 22.88 -16.34 16.50
N ALA B 324 23.02 -17.16 17.52
CA ALA B 324 23.14 -18.62 17.39
C ALA B 324 21.82 -19.41 17.29
N ARG B 325 20.66 -18.74 17.37
CA ARG B 325 19.37 -19.42 17.43
C ARG B 325 18.84 -19.83 16.08
N LEU B 326 18.43 -21.09 16.00
CA LEU B 326 17.69 -21.65 14.87
C LEU B 326 16.62 -20.69 14.38
N VAL B 327 16.70 -20.36 13.08
CA VAL B 327 15.65 -19.62 12.36
C VAL B 327 15.54 -18.13 12.75
N SER B 328 15.46 -17.85 14.06
CA SER B 328 15.28 -16.48 14.58
C SER B 328 16.47 -15.60 14.27
N SER B 329 17.67 -16.14 14.42
CA SER B 329 18.87 -15.36 14.13
C SER B 329 18.97 -14.89 12.69
N ARG B 330 19.37 -13.63 12.51
CA ARG B 330 19.60 -13.03 11.19
C ARG B 330 21.04 -13.26 10.72
N SER B 331 21.85 -13.98 11.48
CA SER B 331 23.21 -14.26 11.04
C SER B 331 23.59 -15.67 11.43
N GLY B 332 24.35 -15.83 12.50
CA GLY B 332 24.74 -17.13 13.00
C GLY B 332 25.87 -16.99 13.99
N TRP B 333 26.28 -18.10 14.57
CA TRP B 333 27.49 -18.12 15.36
C TRP B 333 28.66 -18.37 14.41
N PHE B 334 29.68 -17.53 14.55
CA PHE B 334 30.96 -17.68 13.86
C PHE B 334 32.03 -17.70 14.98
N PRO B 335 32.97 -18.66 14.94
CA PRO B 335 34.10 -18.51 15.87
C PRO B 335 34.98 -17.29 15.54
N ARG B 336 35.94 -16.99 16.42
CA ARG B 336 36.81 -15.83 16.25
C ARG B 336 37.58 -15.96 14.93
N ILE B 337 38.10 -17.16 14.68
CA ILE B 337 38.64 -17.54 13.38
C ILE B 337 37.67 -18.55 12.76
N PRO B 338 36.76 -18.10 11.86
CA PRO B 338 35.78 -19.02 11.26
C PRO B 338 36.41 -20.16 10.46
N GLN B 339 37.61 -19.96 9.94
CA GLN B 339 38.45 -21.04 9.38
C GLN B 339 39.30 -21.67 10.50
N ALA B 340 38.64 -22.48 11.33
CA ALA B 340 39.20 -22.90 12.61
C ALA B 340 39.96 -24.22 12.46
N GLN B 341 40.37 -24.82 13.58
CA GLN B 341 40.91 -26.18 13.57
C GLN B 341 39.81 -27.17 13.94
N PRO B 342 39.64 -28.26 13.15
CA PRO B 342 38.58 -29.21 13.48
C PRO B 342 38.64 -29.66 14.93
N GLY B 343 37.54 -29.45 15.66
CA GLY B 343 37.40 -29.98 17.02
C GLY B 343 37.77 -29.04 18.14
N GLU B 344 38.28 -27.86 17.80
CA GLU B 344 38.66 -26.88 18.81
C GLU B 344 37.50 -25.94 19.16
N GLU B 345 36.61 -25.72 18.20
CA GLU B 345 35.51 -24.79 18.41
C GLU B 345 34.25 -25.52 18.80
N TRP B 346 33.43 -24.90 19.63
CA TRP B 346 32.15 -25.50 20.06
C TRP B 346 31.12 -24.42 20.35
N LEU B 347 29.85 -24.75 20.13
CA LEU B 347 28.76 -23.92 20.57
C LEU B 347 28.07 -24.67 21.69
N GLN B 348 27.83 -24.00 22.82
CA GLN B 348 27.23 -24.63 24.00
C GLN B 348 25.86 -24.07 24.41
N VAL B 349 24.98 -24.97 24.80
CA VAL B 349 23.64 -24.59 25.20
C VAL B 349 23.42 -25.20 26.57
N ASP B 350 23.11 -24.34 27.56
CA ASP B 350 22.65 -24.77 28.89
C ASP B 350 21.13 -24.77 28.81
N LEU B 351 20.54 -25.95 29.03
CA LEU B 351 19.10 -26.15 28.95
C LEU B 351 18.34 -25.62 30.16
N GLY B 352 19.05 -25.25 31.23
CA GLY B 352 18.43 -24.68 32.45
C GLY B 352 18.23 -25.65 33.61
N THR B 353 17.64 -26.79 33.29
CA THR B 353 17.64 -27.94 34.18
C THR B 353 17.90 -29.18 33.29
N PRO B 354 18.24 -30.32 33.91
CA PRO B 354 18.50 -31.50 33.10
C PRO B 354 17.29 -31.94 32.30
N LYS B 355 17.54 -32.46 31.11
CA LYS B 355 16.47 -32.93 30.24
C LYS B 355 16.86 -34.28 29.72
N THR B 356 15.93 -34.95 29.05
CA THR B 356 16.25 -36.05 28.16
C THR B 356 16.50 -35.42 26.78
N VAL B 357 17.71 -35.60 26.25
CA VAL B 357 18.13 -35.01 25.00
C VAL B 357 18.18 -36.07 23.92
N LYS B 358 17.45 -35.82 22.83
CA LYS B 358 17.33 -36.83 21.78
C LYS B 358 17.80 -36.38 20.37
N GLY B 359 18.23 -35.14 20.23
CA GLY B 359 18.77 -34.65 18.95
C GLY B 359 19.17 -33.18 18.99
N VAL B 360 19.67 -32.70 17.85
CA VAL B 360 19.79 -31.29 17.59
C VAL B 360 19.13 -30.97 16.24
N ILE B 361 18.76 -29.72 16.06
CA ILE B 361 18.48 -29.21 14.69
C ILE B 361 19.59 -28.22 14.33
N ILE B 362 20.33 -28.51 13.27
CA ILE B 362 21.46 -27.68 12.85
C ILE B 362 21.07 -26.89 11.59
N GLN B 363 21.57 -25.67 11.54
CA GLN B 363 21.35 -24.77 10.44
C GLN B 363 22.65 -24.03 10.11
N GLY B 364 22.77 -23.57 8.87
CA GLY B 364 23.89 -22.71 8.46
C GLY B 364 23.72 -21.28 8.92
N ALA B 365 24.64 -20.41 8.52
CA ALA B 365 24.58 -19.00 8.86
C ALA B 365 24.11 -18.19 7.65
N ARG B 366 23.27 -17.21 7.90
CA ARG B 366 22.78 -16.36 6.84
C ARG B 366 23.38 -14.95 6.97
N GLY B 367 22.86 -14.02 6.17
CA GLY B 367 22.92 -12.58 6.49
C GLY B 367 23.91 -11.65 5.79
N GLY B 368 24.64 -12.13 4.79
CA GLY B 368 25.59 -11.25 4.07
C GLY B 368 25.45 -11.27 2.56
N ASP B 369 26.46 -11.82 1.90
CA ASP B 369 26.57 -11.91 0.45
C ASP B 369 26.41 -13.37 -0.07
N SER B 370 25.98 -13.52 -1.32
CA SER B 370 25.79 -14.85 -1.93
C SER B 370 27.05 -15.41 -2.60
N ALA B 376 30.74 -17.76 -0.45
CA ALA B 376 30.37 -16.80 0.58
C ALA B 376 29.45 -17.37 1.68
N ARG B 377 28.89 -18.55 1.43
CA ARG B 377 27.95 -19.20 2.37
C ARG B 377 28.67 -19.98 3.48
N ALA B 378 28.41 -19.60 4.72
CA ALA B 378 28.95 -20.31 5.90
C ALA B 378 27.94 -21.35 6.43
N PHE B 379 28.33 -22.63 6.38
CA PHE B 379 27.55 -23.71 7.02
C PHE B 379 28.43 -24.89 7.43
N VAL B 380 28.03 -25.59 8.49
CA VAL B 380 28.76 -26.77 8.98
C VAL B 380 28.28 -28.04 8.27
N ARG B 381 29.24 -28.84 7.78
CA ARG B 381 28.98 -30.04 6.99
C ARG B 381 29.13 -31.35 7.79
N LYS B 382 29.89 -31.31 8.89
CA LYS B 382 30.08 -32.47 9.79
C LYS B 382 30.32 -31.98 11.22
N PHE B 383 29.83 -32.71 12.21
CA PHE B 383 30.03 -32.27 13.58
C PHE B 383 30.01 -33.42 14.57
N LYS B 384 30.53 -33.13 15.75
CA LYS B 384 30.49 -34.01 16.92
C LYS B 384 29.63 -33.36 18.00
N VAL B 385 29.08 -34.17 18.89
CA VAL B 385 28.26 -33.70 20.02
C VAL B 385 28.82 -34.23 21.34
N SER B 386 28.99 -33.33 22.32
CA SER B 386 29.26 -33.76 23.68
C SER B 386 28.16 -33.19 24.60
N TYR B 387 28.07 -33.73 25.81
CA TYR B 387 27.01 -33.39 26.74
C TYR B 387 27.49 -33.57 28.18
N SER B 388 26.80 -32.92 29.11
CA SER B 388 27.18 -32.88 30.52
C SER B 388 25.94 -32.63 31.36
N LEU B 389 25.95 -33.14 32.58
CA LEU B 389 25.00 -32.73 33.61
C LEU B 389 25.62 -31.73 34.60
N ASN B 390 26.96 -31.75 34.69
CA ASN B 390 27.77 -30.90 35.61
C ASN B 390 28.12 -29.54 35.07
N GLY B 391 28.22 -29.43 33.74
CA GLY B 391 28.80 -28.26 33.10
C GLY B 391 30.32 -28.23 33.14
N LYS B 392 30.89 -29.25 33.79
CA LYS B 392 32.33 -29.40 33.98
C LYS B 392 32.85 -30.73 33.41
N ASP B 393 32.11 -31.81 33.69
CA ASP B 393 32.45 -33.17 33.23
C ASP B 393 31.58 -33.64 32.04
N TRP B 394 32.26 -33.91 30.92
CA TRP B 394 31.66 -34.06 29.60
C TRP B 394 31.87 -35.45 29.02
N GLU B 395 30.91 -35.89 28.22
CA GLU B 395 31.05 -37.11 27.41
C GLU B 395 30.66 -36.80 25.98
N TYR B 396 31.31 -37.46 25.02
CA TYR B 396 30.93 -37.36 23.61
C TYR B 396 29.91 -38.47 23.28
N ILE B 397 29.00 -38.19 22.36
CA ILE B 397 28.15 -39.24 21.78
C ILE B 397 29.01 -40.15 20.89
N GLN B 398 28.89 -41.46 21.09
CA GLN B 398 29.75 -42.45 20.43
C GLN B 398 29.00 -43.13 19.27
N ASP B 399 29.75 -43.46 18.22
CA ASP B 399 29.29 -44.35 17.16
C ASP B 399 29.71 -45.75 17.65
N PRO B 400 28.74 -46.67 17.88
CA PRO B 400 29.10 -48.01 18.35
C PRO B 400 30.08 -48.79 17.46
N ARG B 401 30.05 -48.54 16.15
CA ARG B 401 30.87 -49.27 15.17
C ARG B 401 32.35 -48.88 15.21
N THR B 402 32.64 -47.59 15.15
CA THR B 402 34.02 -47.11 15.24
C THR B 402 34.52 -47.06 16.70
N GLN B 403 33.59 -47.28 17.65
CA GLN B 403 33.85 -47.15 19.09
C GLN B 403 34.42 -45.78 19.51
N GLN B 404 33.92 -44.71 18.89
CA GLN B 404 34.47 -43.37 19.09
C GLN B 404 33.43 -42.28 18.87
N PRO B 405 33.73 -41.04 19.33
CA PRO B 405 32.90 -39.89 19.00
C PRO B 405 32.29 -39.99 17.60
N LYS B 406 30.96 -40.01 17.56
CA LYS B 406 30.20 -40.08 16.31
C LYS B 406 30.31 -38.79 15.52
N LEU B 407 30.36 -38.95 14.20
CA LEU B 407 30.44 -37.85 13.26
C LEU B 407 29.06 -37.74 12.62
N PHE B 408 28.43 -36.59 12.82
CA PHE B 408 27.09 -36.36 12.36
C PHE B 408 27.20 -35.59 11.05
N GLU B 409 26.39 -35.96 10.07
CA GLU B 409 26.24 -35.21 8.86
C GLU B 409 25.59 -33.85 9.22
N GLY B 410 26.06 -32.75 8.61
CA GLY B 410 25.58 -31.40 8.86
C GLY B 410 24.62 -30.94 7.80
N ASN B 411 24.76 -29.66 7.39
CA ASN B 411 23.93 -29.05 6.35
C ASN B 411 24.53 -29.10 4.93
N MET B 412 23.66 -28.99 3.92
CA MET B 412 24.04 -28.83 2.49
C MET B 412 23.65 -27.43 1.98
N HIS B 413 22.97 -26.66 2.81
CA HIS B 413 22.53 -25.31 2.46
C HIS B 413 22.66 -24.46 3.71
N TYR B 414 22.75 -23.15 3.53
CA TYR B 414 22.92 -22.21 4.63
C TYR B 414 21.62 -21.92 5.41
N ASP B 415 20.45 -22.10 4.76
CA ASP B 415 19.14 -21.83 5.42
C ASP B 415 18.31 -23.06 5.83
N THR B 416 18.27 -24.07 4.98
CA THR B 416 17.45 -25.23 5.25
C THR B 416 18.11 -26.07 6.35
N PRO B 417 17.42 -26.23 7.49
CA PRO B 417 17.92 -26.94 8.65
C PRO B 417 17.79 -28.45 8.54
N ASP B 418 18.51 -29.17 9.40
CA ASP B 418 18.52 -30.63 9.34
C ASP B 418 18.41 -31.15 10.74
N ILE B 419 17.54 -32.14 10.96
CA ILE B 419 17.38 -32.77 12.26
C ILE B 419 18.34 -33.94 12.37
N ARG B 420 19.09 -34.02 13.46
CA ARG B 420 19.95 -35.18 13.72
C ARG B 420 19.63 -35.76 15.10
N ARG B 421 19.12 -36.98 15.12
CA ARG B 421 18.78 -37.67 16.35
C ARG B 421 19.83 -38.69 16.77
N PHE B 422 19.77 -39.04 18.04
CA PHE B 422 20.66 -40.02 18.63
C PHE B 422 19.96 -40.69 19.82
N ASP B 423 20.61 -41.70 20.43
CA ASP B 423 20.01 -42.41 21.55
C ASP B 423 19.86 -41.41 22.68
N PRO B 424 18.69 -41.40 23.34
CA PRO B 424 18.42 -40.40 24.36
C PRO B 424 19.42 -40.42 25.53
N ILE B 425 19.76 -39.23 26.02
CA ILE B 425 20.73 -39.04 27.08
C ILE B 425 20.17 -38.03 28.09
N PRO B 426 20.50 -38.19 29.40
CA PRO B 426 20.21 -37.11 30.35
C PRO B 426 21.32 -36.08 30.29
N ALA B 427 20.95 -34.83 30.06
CA ALA B 427 21.93 -33.76 29.98
C ALA B 427 21.28 -32.45 30.28
N GLN B 428 22.09 -31.55 30.82
CA GLN B 428 21.74 -30.18 30.98
C GLN B 428 22.48 -29.27 29.97
N TYR B 429 23.73 -29.62 29.64
CA TYR B 429 24.56 -28.85 28.72
C TYR B 429 24.88 -29.69 27.50
N VAL B 430 24.81 -29.09 26.31
CA VAL B 430 25.13 -29.75 25.07
C VAL B 430 26.11 -28.90 24.29
N ARG B 431 27.17 -29.52 23.75
CA ARG B 431 28.11 -28.83 22.84
C ARG B 431 28.12 -29.46 21.48
N VAL B 432 28.14 -28.62 20.44
CA VAL B 432 28.30 -29.03 19.04
C VAL B 432 29.67 -28.53 18.55
N TYR B 433 30.51 -29.48 18.11
CA TYR B 433 31.86 -29.21 17.64
C TYR B 433 31.88 -29.39 16.11
N PRO B 434 32.04 -28.29 15.36
CA PRO B 434 32.17 -28.49 13.92
C PRO B 434 33.47 -29.25 13.54
N GLU B 435 33.34 -30.23 12.65
CA GLU B 435 34.47 -30.99 12.09
C GLU B 435 34.86 -30.58 10.67
N ARG B 436 33.85 -30.42 9.82
CA ARG B 436 33.99 -29.96 8.44
C ARG B 436 33.01 -28.81 8.19
N TRP B 437 33.28 -27.98 7.19
CA TRP B 437 32.42 -26.83 6.94
C TRP B 437 32.60 -26.33 5.52
N SER B 438 31.73 -25.42 5.09
CA SER B 438 31.81 -24.82 3.75
C SER B 438 33.08 -23.94 3.60
N PRO B 439 33.50 -23.66 2.34
CA PRO B 439 34.69 -22.82 2.10
C PRO B 439 34.73 -21.48 2.88
N ALA B 440 33.58 -20.84 3.07
CA ALA B 440 33.54 -19.58 3.82
C ALA B 440 33.86 -19.75 5.33
N GLY B 441 33.86 -21.00 5.84
CA GLY B 441 34.13 -21.28 7.26
C GLY B 441 32.90 -21.65 8.08
N ILE B 442 33.11 -21.80 9.38
CA ILE B 442 32.05 -22.16 10.32
C ILE B 442 31.03 -21.03 10.44
N GLY B 443 29.76 -21.39 10.22
CA GLY B 443 28.61 -20.53 10.44
C GLY B 443 27.52 -21.49 10.88
N MET B 444 26.82 -21.18 11.97
CA MET B 444 25.88 -22.13 12.53
C MET B 444 24.79 -21.47 13.38
N ARG B 445 23.57 -21.97 13.21
CA ARG B 445 22.48 -21.72 14.14
C ARG B 445 21.99 -23.10 14.64
N LEU B 446 21.34 -23.14 15.81
CA LEU B 446 21.11 -24.39 16.52
C LEU B 446 19.86 -24.41 17.40
N GLU B 447 19.26 -25.61 17.50
CA GLU B 447 18.24 -25.96 18.48
C GLU B 447 18.52 -27.38 19.04
N VAL B 448 18.12 -27.65 20.28
CA VAL B 448 18.26 -28.98 20.90
C VAL B 448 16.85 -29.63 21.03
N LEU B 449 16.75 -30.92 20.72
CA LEU B 449 15.46 -31.65 20.83
C LEU B 449 15.44 -32.59 22.03
N GLY B 450 14.36 -32.54 22.81
CA GLY B 450 14.14 -33.55 23.84
C GLY B 450 12.86 -33.36 24.62
N CYS B 451 12.91 -33.68 25.90
CA CYS B 451 11.72 -33.67 26.74
C CYS B 451 12.08 -33.66 28.23
N ASP B 452 11.05 -33.40 29.04
CA ASP B 452 11.18 -33.33 30.49
C ASP B 452 10.62 -34.61 31.09
#